data_1O57
#
_entry.id   1O57
#
_cell.length_a   65.077
_cell.length_b   72.156
_cell.length_c   82.967
_cell.angle_alpha   84.75
_cell.angle_beta   84.03
_cell.angle_gamma   67.47
#
_symmetry.space_group_name_H-M   'P 1'
#
loop_
_entity.id
_entity.type
_entity.pdbx_description
1 polymer 'PUR OPERON REPRESSOR'
2 non-polymer 'SULFATE ION'
3 non-polymer '4-(2-HYDROXYETHYL)-1-PIPERAZINE ETHANESULFONIC ACID'
4 non-polymer 'HEXAETHYLENE GLYCOL'
5 non-polymer 'NONAETHYLENE GLYCOL'
6 non-polymer 'TETRAETHYLENE GLYCOL'
7 non-polymer 'PENTAETHYLENE GLYCOL'
8 water water
#
_entity_poly.entity_id   1
_entity_poly.type   'polypeptide(L)'
_entity_poly.pdbx_seq_one_letter_code
;MKFRRSGRLVDLTNYLLTHPHELIPLTFFSERYESAKSSISEDLTIIKQTFEQQGIGTLLTVPGAAGGVKYIPKMKQAEA
EEFVQTLGQSLANPERILPGGYVYLTDILGKPSVLSKVGKLFASVFAEREIDVVMTVATKGIPLAYAAASYLNVPVVIVR
KDNKVTEGSTVSINYVSGSSNRIQTMSLAKRSMKTGSNVLIIDDFMKAGGTINGMINLLDEFNANVAGIGVLVEAEGVDE
RLVDEYMSLLTLSTINMKEKSIEIQNGNFLRFFKDNLLKNGETESHHHHHH
;
_entity_poly.pdbx_strand_id   A,B,C,D
#
loop_
_chem_comp.id
_chem_comp.type
_chem_comp.name
_chem_comp.formula
1PE non-polymer 'PENTAETHYLENE GLYCOL' 'C10 H22 O6'
2PE non-polymer 'NONAETHYLENE GLYCOL' 'C18 H38 O10'
EPE non-polymer '4-(2-HYDROXYETHYL)-1-PIPERAZINE ETHANESULFONIC ACID' 'C8 H18 N2 O4 S'
P6G non-polymer 'HEXAETHYLENE GLYCOL' 'C12 H26 O7'
PG4 non-polymer 'TETRAETHYLENE GLYCOL' 'C8 H18 O5'
SO4 non-polymer 'SULFATE ION' 'O4 S -2'
#
# COMPACT_ATOMS: atom_id res chain seq x y z
N LYS A 2 16.22 -48.31 20.41
CA LYS A 2 15.54 -49.63 20.22
C LYS A 2 14.03 -49.50 20.03
N PHE A 3 13.50 -50.34 19.16
CA PHE A 3 12.07 -50.37 18.85
C PHE A 3 11.56 -51.79 18.81
N ARG A 4 10.44 -52.05 19.47
CA ARG A 4 9.85 -53.37 19.42
C ARG A 4 9.23 -53.37 18.01
N ARG A 5 8.97 -54.55 17.47
CA ARG A 5 8.41 -54.65 16.14
C ARG A 5 7.21 -53.69 15.90
N SER A 6 6.21 -53.75 16.78
CA SER A 6 5.02 -52.91 16.68
C SER A 6 5.31 -51.41 16.52
N GLY A 7 6.15 -50.87 17.41
CA GLY A 7 6.52 -49.48 17.37
C GLY A 7 7.27 -49.19 16.09
N ARG A 8 8.12 -50.13 15.68
CA ARG A 8 8.87 -49.96 14.47
C ARG A 8 7.93 -49.86 13.27
N LEU A 9 6.87 -50.69 13.22
CA LEU A 9 5.93 -50.59 12.09
C LEU A 9 5.23 -49.24 12.05
N VAL A 10 4.90 -48.71 13.22
CA VAL A 10 4.21 -47.43 13.28
C VAL A 10 5.12 -46.33 12.77
N ASP A 11 6.35 -46.32 13.29
CA ASP A 11 7.30 -45.30 12.89
C ASP A 11 7.66 -45.39 11.42
N LEU A 12 7.88 -46.62 10.94
CA LEU A 12 8.21 -46.86 9.54
C LEU A 12 7.08 -46.36 8.67
N THR A 13 5.85 -46.67 9.10
CA THR A 13 4.70 -46.23 8.33
C THR A 13 4.67 -44.69 8.29
N ASN A 14 4.84 -44.05 9.44
CA ASN A 14 4.85 -42.60 9.46
C ASN A 14 5.96 -42.07 8.57
N TYR A 15 7.14 -42.71 8.67
CA TYR A 15 8.27 -42.26 7.88
C TYR A 15 8.03 -42.35 6.38
N LEU A 16 7.54 -43.49 5.92
CA LEU A 16 7.27 -43.63 4.49
C LEU A 16 6.21 -42.65 4.01
N LEU A 17 5.11 -42.55 4.78
CA LEU A 17 4.03 -41.66 4.37
C LEU A 17 4.49 -40.21 4.27
N THR A 18 5.47 -39.82 5.08
CA THR A 18 5.93 -38.43 5.02
C THR A 18 7.15 -38.25 4.11
N HIS A 19 7.60 -39.31 3.44
CA HIS A 19 8.72 -39.15 2.50
C HIS A 19 8.40 -39.89 1.21
N PRO A 20 7.31 -39.52 0.55
CA PRO A 20 6.97 -40.21 -0.69
C PRO A 20 7.93 -39.88 -1.82
N HIS A 21 8.00 -40.79 -2.80
CA HIS A 21 8.85 -40.60 -3.96
C HIS A 21 10.28 -40.28 -3.59
N GLU A 22 10.78 -41.00 -2.61
CA GLU A 22 12.14 -40.87 -2.16
C GLU A 22 12.72 -42.29 -1.98
N LEU A 23 13.85 -42.55 -2.61
CA LEU A 23 14.49 -43.86 -2.48
C LEU A 23 15.24 -43.87 -1.16
N ILE A 24 14.81 -44.71 -0.24
CA ILE A 24 15.42 -44.77 1.07
C ILE A 24 16.18 -46.10 1.22
N PRO A 25 17.49 -46.03 1.52
CA PRO A 25 18.33 -47.21 1.69
C PRO A 25 17.93 -48.02 2.91
N LEU A 26 17.92 -49.34 2.78
CA LEU A 26 17.55 -50.19 3.91
C LEU A 26 18.43 -49.89 5.11
N THR A 27 19.66 -49.48 4.81
CA THR A 27 20.62 -49.15 5.85
C THR A 27 20.13 -48.06 6.78
N PHE A 28 19.48 -47.06 6.20
CA PHE A 28 18.94 -45.98 7.00
C PHE A 28 17.99 -46.54 8.11
N PHE A 29 17.08 -47.41 7.71
CA PHE A 29 16.13 -48.00 8.66
C PHE A 29 16.80 -48.93 9.65
N SER A 30 17.74 -49.72 9.14
CA SER A 30 18.46 -50.65 9.98
C SER A 30 19.14 -49.91 11.11
N GLU A 31 19.73 -48.77 10.76
CA GLU A 31 20.41 -47.95 11.76
C GLU A 31 19.42 -47.25 12.68
N ARG A 32 18.33 -46.74 12.13
CA ARG A 32 17.34 -46.03 12.91
C ARG A 32 16.72 -46.93 13.98
N TYR A 33 16.44 -48.17 13.60
CA TYR A 33 15.81 -49.07 14.53
C TYR A 33 16.79 -50.05 15.17
N GLU A 34 18.08 -49.90 14.87
CA GLU A 34 19.12 -50.78 15.41
C GLU A 34 18.68 -52.22 15.21
N SER A 35 18.34 -52.55 13.96
CA SER A 35 17.85 -53.89 13.67
C SER A 35 18.48 -54.47 12.44
N ALA A 36 18.34 -55.78 12.29
CA ALA A 36 18.88 -56.47 11.13
C ALA A 36 18.07 -56.07 9.91
N LYS A 37 18.69 -56.08 8.74
CA LYS A 37 17.97 -55.75 7.51
C LYS A 37 16.86 -56.75 7.27
N SER A 38 17.08 -58.00 7.68
CA SER A 38 16.06 -59.01 7.47
C SER A 38 14.76 -58.62 8.16
N SER A 39 14.87 -58.06 9.36
CA SER A 39 13.67 -57.67 10.10
C SER A 39 13.01 -56.47 9.44
N ILE A 40 13.83 -55.54 8.94
CA ILE A 40 13.29 -54.37 8.28
C ILE A 40 12.50 -54.81 7.03
N SER A 41 13.11 -55.69 6.23
CA SER A 41 12.46 -56.18 5.01
C SER A 41 11.12 -56.82 5.29
N GLU A 42 11.04 -57.57 6.38
CA GLU A 42 9.79 -58.21 6.76
C GLU A 42 8.75 -57.12 7.10
N ASP A 43 9.17 -56.08 7.81
CA ASP A 43 8.24 -54.99 8.16
C ASP A 43 7.75 -54.32 6.88
N LEU A 44 8.69 -54.09 5.96
CA LEU A 44 8.34 -53.44 4.70
C LEU A 44 7.35 -54.27 3.89
N THR A 45 7.36 -55.58 4.08
CA THR A 45 6.43 -56.45 3.37
C THR A 45 5.05 -56.29 4.01
N ILE A 46 5.02 -56.18 5.33
CA ILE A 46 3.77 -55.97 6.01
C ILE A 46 3.17 -54.63 5.52
N ILE A 47 4.03 -53.61 5.44
CA ILE A 47 3.55 -52.30 5.02
C ILE A 47 3.12 -52.29 3.56
N LYS A 48 3.91 -52.95 2.71
CA LYS A 48 3.58 -53.03 1.30
C LYS A 48 2.20 -53.67 1.10
N GLN A 49 1.98 -54.81 1.78
CA GLN A 49 0.70 -55.54 1.67
C GLN A 49 -0.46 -54.66 2.12
N THR A 50 -0.29 -54.03 3.29
CA THR A 50 -1.31 -53.17 3.83
C THR A 50 -1.60 -51.99 2.91
N PHE A 51 -0.52 -51.35 2.43
CA PHE A 51 -0.69 -50.18 1.58
C PHE A 51 -1.40 -50.56 0.30
N GLU A 52 -1.10 -51.75 -0.20
CA GLU A 52 -1.73 -52.23 -1.43
C GLU A 52 -3.23 -52.53 -1.19
N GLN A 53 -3.53 -53.33 -0.18
CA GLN A 53 -4.93 -53.68 0.11
C GLN A 53 -5.77 -52.51 0.52
N GLN A 54 -5.17 -51.54 1.20
CA GLN A 54 -5.93 -50.40 1.65
C GLN A 54 -5.98 -49.27 0.63
N GLY A 55 -5.36 -49.47 -0.53
CA GLY A 55 -5.38 -48.42 -1.53
C GLY A 55 -4.60 -47.15 -1.16
N ILE A 56 -3.56 -47.29 -0.33
CA ILE A 56 -2.72 -46.17 0.08
C ILE A 56 -1.64 -45.90 -0.97
N GLY A 57 -1.08 -46.96 -1.52
CA GLY A 57 -0.06 -46.79 -2.54
C GLY A 57 0.79 -48.03 -2.68
N THR A 58 1.90 -47.87 -3.38
CA THR A 58 2.83 -48.95 -3.66
C THR A 58 4.16 -48.72 -2.93
N LEU A 59 4.68 -49.77 -2.31
CA LEU A 59 5.99 -49.69 -1.68
C LEU A 59 6.88 -50.42 -2.67
N LEU A 60 7.78 -49.68 -3.30
CA LEU A 60 8.68 -50.25 -4.29
C LEU A 60 10.02 -50.62 -3.68
N THR A 61 10.39 -51.89 -3.76
CA THR A 61 11.67 -52.33 -3.23
C THR A 61 12.64 -52.50 -4.39
N VAL A 62 13.73 -51.76 -4.35
CA VAL A 62 14.77 -51.82 -5.37
C VAL A 62 15.97 -52.60 -4.80
N PRO A 63 16.23 -53.79 -5.34
CA PRO A 63 17.36 -54.61 -4.85
C PRO A 63 18.73 -53.97 -5.00
N GLY A 64 19.70 -54.46 -4.23
CA GLY A 64 21.05 -53.91 -4.33
C GLY A 64 21.40 -52.84 -3.31
N ALA A 65 22.70 -52.64 -3.10
CA ALA A 65 23.19 -51.64 -2.14
C ALA A 65 22.90 -50.22 -2.63
N ALA A 66 22.57 -50.09 -3.91
CA ALA A 66 22.25 -48.80 -4.50
C ALA A 66 20.73 -48.65 -4.45
N GLY A 67 20.06 -49.71 -4.03
CA GLY A 67 18.62 -49.71 -3.96
C GLY A 67 18.06 -49.16 -2.66
N GLY A 68 16.97 -49.78 -2.22
CA GLY A 68 16.29 -49.38 -1.01
C GLY A 68 14.80 -49.50 -1.22
N VAL A 69 14.02 -48.66 -0.56
CA VAL A 69 12.58 -48.74 -0.71
C VAL A 69 12.01 -47.36 -1.08
N LYS A 70 10.93 -47.36 -1.83
CA LYS A 70 10.31 -46.11 -2.23
C LYS A 70 8.80 -46.21 -2.14
N TYR A 71 8.20 -45.25 -1.44
CA TYR A 71 6.76 -45.22 -1.28
C TYR A 71 6.15 -44.36 -2.38
N ILE A 72 5.27 -44.94 -3.19
CA ILE A 72 4.62 -44.23 -4.29
C ILE A 72 3.12 -44.12 -3.99
N PRO A 73 2.63 -42.90 -3.72
CA PRO A 73 1.20 -42.69 -3.42
C PRO A 73 0.42 -43.07 -4.70
N LYS A 74 -0.60 -43.92 -4.57
CA LYS A 74 -1.43 -44.33 -5.71
C LYS A 74 -2.87 -44.38 -5.23
N MET A 75 -3.80 -44.06 -6.11
CA MET A 75 -5.20 -44.15 -5.76
C MET A 75 -5.89 -45.19 -6.67
N LYS A 76 -6.61 -46.14 -6.08
CA LYS A 76 -7.35 -47.13 -6.86
C LYS A 76 -8.42 -46.43 -7.71
N GLN A 77 -8.67 -46.97 -8.89
CA GLN A 77 -9.68 -46.43 -9.77
C GLN A 77 -11.06 -46.31 -9.10
N ALA A 78 -11.47 -47.33 -8.37
CA ALA A 78 -12.78 -47.28 -7.73
C ALA A 78 -12.86 -46.09 -6.79
N GLU A 79 -11.82 -45.84 -6.00
CA GLU A 79 -11.87 -44.68 -5.12
C GLU A 79 -11.88 -43.38 -5.89
N ALA A 80 -11.09 -43.31 -6.96
CA ALA A 80 -11.07 -42.10 -7.76
C ALA A 80 -12.48 -41.87 -8.36
N GLU A 81 -13.12 -42.90 -8.90
CA GLU A 81 -14.46 -42.68 -9.46
C GLU A 81 -15.46 -42.20 -8.39
N GLU A 82 -15.41 -42.81 -7.22
CA GLU A 82 -16.32 -42.44 -6.16
C GLU A 82 -16.07 -41.00 -5.75
N PHE A 83 -14.81 -40.65 -5.59
CA PHE A 83 -14.48 -39.31 -5.17
C PHE A 83 -14.88 -38.24 -6.17
N VAL A 84 -14.66 -38.51 -7.44
CA VAL A 84 -14.99 -37.53 -8.45
C VAL A 84 -16.50 -37.35 -8.55
N GLN A 85 -17.24 -38.44 -8.43
CA GLN A 85 -18.69 -38.36 -8.49
C GLN A 85 -19.23 -37.52 -7.33
N THR A 86 -18.70 -37.76 -6.14
CA THR A 86 -19.13 -37.02 -4.97
C THR A 86 -18.79 -35.55 -5.17
N LEU A 87 -17.60 -35.29 -5.67
CA LEU A 87 -17.20 -33.92 -5.90
C LEU A 87 -18.10 -33.30 -6.98
N GLY A 88 -18.43 -34.07 -8.02
CA GLY A 88 -19.28 -33.54 -9.06
C GLY A 88 -20.67 -33.22 -8.53
N GLN A 89 -21.27 -34.15 -7.80
CA GLN A 89 -22.60 -33.92 -7.25
C GLN A 89 -22.63 -32.65 -6.41
N SER A 90 -21.58 -32.45 -5.64
CA SER A 90 -21.48 -31.27 -4.81
C SER A 90 -21.40 -29.98 -5.63
N LEU A 91 -20.74 -30.03 -6.79
CA LEU A 91 -20.61 -28.82 -7.61
C LEU A 91 -21.82 -28.55 -8.48
N ALA A 92 -22.64 -29.57 -8.72
CA ALA A 92 -23.82 -29.41 -9.57
C ALA A 92 -24.95 -28.65 -8.88
N ASN A 93 -24.61 -27.99 -7.77
CA ASN A 93 -25.58 -27.22 -7.01
C ASN A 93 -25.82 -25.88 -7.71
N PRO A 94 -27.06 -25.59 -8.09
CA PRO A 94 -27.41 -24.33 -8.77
C PRO A 94 -26.91 -23.11 -8.02
N GLU A 95 -26.84 -23.22 -6.70
CA GLU A 95 -26.38 -22.12 -5.86
C GLU A 95 -24.96 -21.62 -6.20
N ARG A 96 -24.17 -22.45 -6.89
CA ARG A 96 -22.78 -22.10 -7.27
C ARG A 96 -22.70 -21.40 -8.62
N ILE A 97 -23.85 -20.99 -9.12
CA ILE A 97 -23.92 -20.33 -10.40
C ILE A 97 -23.10 -19.05 -10.51
N LEU A 98 -22.34 -18.94 -11.59
CA LEU A 98 -21.52 -17.75 -11.85
C LEU A 98 -21.72 -17.29 -13.30
N PRO A 99 -21.83 -15.97 -13.49
CA PRO A 99 -22.02 -15.40 -14.83
C PRO A 99 -20.79 -15.61 -15.69
N GLY A 100 -21.02 -15.87 -16.98
CA GLY A 100 -19.92 -16.09 -17.91
C GLY A 100 -19.65 -17.58 -18.10
N GLY A 101 -20.49 -18.42 -17.48
CA GLY A 101 -20.32 -19.85 -17.59
C GLY A 101 -19.35 -20.43 -16.58
N TYR A 102 -19.30 -19.82 -15.40
CA TYR A 102 -18.40 -20.25 -14.34
C TYR A 102 -19.14 -20.82 -13.12
N VAL A 103 -18.44 -21.58 -12.30
CA VAL A 103 -19.03 -22.17 -11.11
C VAL A 103 -18.24 -21.76 -9.87
N TYR A 104 -18.91 -21.69 -8.73
CA TYR A 104 -18.25 -21.31 -7.47
C TYR A 104 -17.52 -22.51 -6.89
N LEU A 105 -16.19 -22.42 -6.83
CA LEU A 105 -15.37 -23.51 -6.32
C LEU A 105 -14.64 -23.16 -5.02
N THR A 106 -14.67 -21.87 -4.68
CA THR A 106 -13.99 -21.37 -3.50
C THR A 106 -14.09 -22.18 -2.23
N ASP A 107 -15.29 -22.58 -1.86
CA ASP A 107 -15.47 -23.36 -0.64
C ASP A 107 -14.81 -24.75 -0.69
N ILE A 108 -14.84 -25.42 -1.83
CA ILE A 108 -14.21 -26.74 -1.90
C ILE A 108 -12.70 -26.58 -2.06
N LEU A 109 -12.25 -25.58 -2.79
CA LEU A 109 -10.81 -25.38 -2.93
C LEU A 109 -10.20 -24.94 -1.58
N GLY A 110 -11.06 -24.71 -0.59
CA GLY A 110 -10.57 -24.29 0.71
C GLY A 110 -10.51 -25.44 1.72
N LYS A 111 -10.89 -26.64 1.31
CA LYS A 111 -10.88 -27.77 2.22
C LYS A 111 -9.70 -28.71 2.03
N PRO A 112 -8.78 -28.74 3.00
CA PRO A 112 -7.63 -29.64 2.86
C PRO A 112 -8.03 -31.09 2.57
N SER A 113 -9.15 -31.52 3.13
CA SER A 113 -9.60 -32.88 2.93
C SER A 113 -9.85 -33.12 1.45
N VAL A 114 -10.55 -32.19 0.81
CA VAL A 114 -10.80 -32.33 -0.62
C VAL A 114 -9.49 -32.16 -1.41
N LEU A 115 -8.69 -31.16 -1.06
CA LEU A 115 -7.43 -30.92 -1.75
C LEU A 115 -6.51 -32.12 -1.71
N SER A 116 -6.43 -32.75 -0.55
CA SER A 116 -5.61 -33.92 -0.32
C SER A 116 -5.97 -35.04 -1.33
N LYS A 117 -7.26 -35.29 -1.49
CA LYS A 117 -7.75 -36.31 -2.43
C LYS A 117 -7.40 -35.96 -3.86
N VAL A 118 -7.66 -34.70 -4.24
CA VAL A 118 -7.38 -34.26 -5.60
C VAL A 118 -5.89 -34.36 -5.86
N GLY A 119 -5.11 -33.90 -4.88
CA GLY A 119 -3.67 -33.91 -5.01
C GLY A 119 -3.17 -35.33 -5.16
N LYS A 120 -3.78 -36.24 -4.40
CA LYS A 120 -3.37 -37.63 -4.49
C LYS A 120 -3.74 -38.22 -5.84
N LEU A 121 -4.93 -37.91 -6.34
CA LEU A 121 -5.36 -38.47 -7.62
C LEU A 121 -4.40 -37.98 -8.73
N PHE A 122 -4.02 -36.69 -8.68
CA PHE A 122 -3.08 -36.12 -9.63
C PHE A 122 -1.73 -36.82 -9.47
N ALA A 123 -1.26 -36.93 -8.24
CA ALA A 123 0.03 -37.59 -8.01
C ALA A 123 0.00 -39.05 -8.45
N SER A 124 -1.16 -39.67 -8.33
CA SER A 124 -1.32 -41.06 -8.71
C SER A 124 -1.24 -41.22 -10.24
N VAL A 125 -1.98 -40.39 -10.95
CA VAL A 125 -1.97 -40.49 -12.39
C VAL A 125 -0.56 -40.20 -12.95
N PHE A 126 0.11 -39.16 -12.46
CA PHE A 126 1.43 -38.81 -12.96
C PHE A 126 2.58 -39.42 -12.18
N ALA A 127 2.28 -40.46 -11.41
CA ALA A 127 3.27 -41.10 -10.55
C ALA A 127 4.53 -41.57 -11.25
N GLU A 128 4.39 -42.00 -12.49
CA GLU A 128 5.54 -42.52 -13.22
C GLU A 128 6.18 -41.53 -14.20
N ARG A 129 5.66 -40.29 -14.25
CA ARG A 129 6.24 -39.26 -15.12
C ARG A 129 7.43 -38.75 -14.34
N GLU A 130 8.45 -38.24 -15.00
CA GLU A 130 9.57 -37.77 -14.19
C GLU A 130 9.31 -36.27 -14.08
N ILE A 131 8.89 -35.89 -12.88
CA ILE A 131 8.51 -34.52 -12.56
C ILE A 131 9.49 -33.91 -11.60
N ASP A 132 9.92 -32.68 -11.90
CA ASP A 132 10.85 -31.95 -11.04
C ASP A 132 10.17 -30.83 -10.28
N VAL A 133 9.04 -30.36 -10.80
CA VAL A 133 8.34 -29.25 -10.19
C VAL A 133 6.86 -29.20 -10.62
N VAL A 134 6.02 -28.60 -9.79
CA VAL A 134 4.63 -28.44 -10.13
C VAL A 134 4.46 -26.96 -10.36
N MET A 135 3.67 -26.60 -11.37
CA MET A 135 3.49 -25.18 -11.68
C MET A 135 2.04 -24.86 -11.84
N THR A 136 1.64 -23.70 -11.35
CA THR A 136 0.26 -23.27 -11.48
C THR A 136 0.31 -21.77 -11.59
N VAL A 137 -0.84 -21.16 -11.84
CA VAL A 137 -0.89 -19.71 -11.94
C VAL A 137 -1.70 -19.21 -10.77
N ALA A 138 -1.24 -18.11 -10.18
CA ALA A 138 -1.91 -17.52 -9.03
C ALA A 138 -3.34 -17.15 -9.41
N THR A 139 -4.29 -17.28 -8.49
CA THR A 139 -3.99 -17.77 -7.15
C THR A 139 -4.85 -18.99 -6.83
N LYS A 140 -5.96 -19.15 -7.56
CA LYS A 140 -6.88 -20.24 -7.32
C LYS A 140 -6.26 -21.65 -7.34
N GLY A 141 -5.39 -21.90 -8.31
CA GLY A 141 -4.77 -23.21 -8.39
C GLY A 141 -3.70 -23.49 -7.36
N ILE A 142 -3.24 -22.48 -6.64
CA ILE A 142 -2.16 -22.68 -5.69
C ILE A 142 -2.30 -23.86 -4.71
N PRO A 143 -3.41 -23.94 -3.97
CA PRO A 143 -3.54 -25.08 -3.04
C PRO A 143 -3.54 -26.45 -3.75
N LEU A 144 -4.20 -26.57 -4.91
CA LEU A 144 -4.20 -27.83 -5.64
C LEU A 144 -2.73 -28.16 -6.01
N ALA A 145 -2.00 -27.17 -6.47
CA ALA A 145 -0.62 -27.39 -6.87
C ALA A 145 0.20 -27.94 -5.70
N TYR A 146 0.07 -27.31 -4.54
CA TYR A 146 0.81 -27.78 -3.36
C TYR A 146 0.38 -29.17 -2.95
N ALA A 147 -0.91 -29.47 -3.06
CA ALA A 147 -1.38 -30.79 -2.66
C ALA A 147 -0.74 -31.85 -3.55
N ALA A 148 -0.70 -31.61 -4.86
CA ALA A 148 -0.12 -32.58 -5.78
C ALA A 148 1.35 -32.71 -5.50
N ALA A 149 1.99 -31.55 -5.35
CA ALA A 149 3.41 -31.49 -5.14
C ALA A 149 3.89 -32.20 -3.89
N SER A 150 3.12 -32.13 -2.81
CA SER A 150 3.55 -32.76 -1.58
C SER A 150 3.53 -34.28 -1.77
N TYR A 151 2.56 -34.81 -2.52
CA TYR A 151 2.58 -36.26 -2.72
C TYR A 151 3.69 -36.67 -3.67
N LEU A 152 4.13 -35.73 -4.50
CA LEU A 152 5.15 -36.05 -5.49
C LEU A 152 6.59 -35.75 -5.07
N ASN A 153 6.74 -35.08 -3.94
CA ASN A 153 8.05 -34.72 -3.44
C ASN A 153 8.76 -33.74 -4.38
N VAL A 154 8.07 -32.70 -4.81
CA VAL A 154 8.71 -31.72 -5.66
C VAL A 154 8.25 -30.33 -5.26
N PRO A 155 9.05 -29.30 -5.59
CA PRO A 155 8.68 -27.93 -5.25
C PRO A 155 7.59 -27.44 -6.17
N VAL A 156 6.98 -26.32 -5.78
CA VAL A 156 5.94 -25.71 -6.56
C VAL A 156 6.49 -24.39 -7.10
N VAL A 157 6.07 -24.02 -8.30
CA VAL A 157 6.49 -22.78 -8.92
C VAL A 157 5.20 -22.08 -9.26
N ILE A 158 5.09 -20.82 -8.87
CA ILE A 158 3.84 -20.07 -9.11
C ILE A 158 4.00 -18.93 -10.11
N VAL A 159 3.28 -19.05 -11.22
CA VAL A 159 3.30 -18.05 -12.26
C VAL A 159 2.47 -16.87 -11.79
N ARG A 160 3.02 -15.69 -11.95
CA ARG A 160 2.37 -14.46 -11.52
C ARG A 160 1.71 -13.80 -12.72
N LYS A 161 0.48 -13.31 -12.53
CA LYS A 161 -0.18 -12.63 -13.63
C LYS A 161 -0.08 -11.11 -13.38
N ASP A 162 1.09 -10.69 -12.92
CA ASP A 162 1.36 -9.28 -12.63
C ASP A 162 2.56 -8.81 -13.46
N GLY A 168 13.44 -8.67 -11.30
CA GLY A 168 14.73 -8.83 -11.93
C GLY A 168 14.64 -9.48 -13.31
N SER A 169 15.38 -10.56 -13.50
CA SER A 169 15.37 -11.28 -14.78
C SER A 169 14.06 -12.07 -14.90
N THR A 170 13.00 -11.38 -15.27
CA THR A 170 11.69 -12.00 -15.40
C THR A 170 11.39 -12.41 -16.83
N VAL A 171 10.76 -13.58 -16.99
CA VAL A 171 10.35 -14.07 -18.30
C VAL A 171 8.86 -13.78 -18.39
N SER A 172 8.35 -13.62 -19.60
CA SER A 172 6.94 -13.33 -19.75
C SER A 172 6.31 -13.86 -21.01
N ILE A 173 4.99 -13.93 -20.99
CA ILE A 173 4.22 -14.42 -22.10
C ILE A 173 2.94 -13.65 -22.03
N ASN A 174 2.27 -13.53 -23.18
CA ASN A 174 0.99 -12.83 -23.23
C ASN A 174 0.00 -13.90 -23.66
N TYR A 175 -1.26 -13.75 -23.25
CA TYR A 175 -2.24 -14.76 -23.57
C TYR A 175 -3.61 -14.17 -23.31
N VAL A 176 -4.64 -14.84 -23.82
CA VAL A 176 -6.01 -14.40 -23.63
C VAL A 176 -6.77 -15.33 -22.68
N SER A 177 -7.29 -14.77 -21.59
CA SER A 177 -8.04 -15.54 -20.62
C SER A 177 -9.33 -16.02 -21.26
N GLY A 178 -10.25 -16.51 -20.43
CA GLY A 178 -11.52 -16.98 -20.95
C GLY A 178 -12.57 -16.02 -20.46
N SER A 179 -12.17 -15.16 -19.53
CA SER A 179 -13.05 -14.15 -18.95
C SER A 179 -13.07 -12.92 -19.85
N SER A 180 -11.89 -12.38 -20.14
CA SER A 180 -11.75 -11.21 -20.99
C SER A 180 -11.03 -11.57 -22.28
N ASN A 181 -11.26 -10.77 -23.31
CA ASN A 181 -10.61 -11.01 -24.60
C ASN A 181 -9.37 -10.12 -24.70
N ARG A 182 -9.10 -9.37 -23.64
CA ARG A 182 -7.93 -8.49 -23.61
C ARG A 182 -6.68 -9.31 -23.35
N ILE A 183 -5.62 -9.02 -24.10
CA ILE A 183 -4.37 -9.75 -23.91
C ILE A 183 -3.87 -9.57 -22.48
N GLN A 184 -3.44 -10.67 -21.85
CA GLN A 184 -2.92 -10.61 -20.50
C GLN A 184 -1.46 -11.07 -20.46
N THR A 185 -0.80 -10.79 -19.35
CA THR A 185 0.60 -11.16 -19.19
C THR A 185 0.85 -11.91 -17.88
N MET A 186 1.47 -13.08 -18.01
CA MET A 186 1.83 -13.89 -16.85
C MET A 186 3.34 -13.90 -16.88
N SER A 187 3.94 -13.75 -15.71
CA SER A 187 5.39 -13.70 -15.63
C SER A 187 5.92 -14.66 -14.59
N LEU A 188 7.19 -14.97 -14.71
CA LEU A 188 7.84 -15.87 -13.77
C LEU A 188 9.32 -15.53 -13.69
N ALA A 189 9.80 -15.30 -12.47
CA ALA A 189 11.21 -14.99 -12.25
C ALA A 189 12.11 -16.06 -12.88
N LYS A 190 13.21 -15.63 -13.47
CA LYS A 190 14.14 -16.56 -14.11
C LYS A 190 14.82 -17.40 -13.04
N ARG A 191 14.91 -16.84 -11.83
CA ARG A 191 15.54 -17.51 -10.70
C ARG A 191 14.57 -18.46 -9.99
N SER A 192 13.39 -18.65 -10.57
CA SER A 192 12.38 -19.50 -9.96
C SER A 192 12.29 -20.93 -10.48
N MET A 193 13.10 -21.28 -11.47
CA MET A 193 13.01 -22.64 -11.99
C MET A 193 14.26 -23.06 -12.75
N LYS A 194 14.74 -24.26 -12.47
CA LYS A 194 15.93 -24.77 -13.14
C LYS A 194 15.59 -25.15 -14.58
N THR A 195 16.29 -24.56 -15.56
CA THR A 195 16.01 -24.86 -16.96
C THR A 195 16.17 -26.36 -17.23
N GLY A 196 15.29 -26.90 -18.09
CA GLY A 196 15.33 -28.31 -18.40
C GLY A 196 14.49 -29.14 -17.43
N SER A 197 13.66 -28.48 -16.64
CA SER A 197 12.84 -29.20 -15.67
C SER A 197 11.57 -29.81 -16.24
N ASN A 198 11.25 -31.00 -15.74
CA ASN A 198 10.02 -31.68 -16.12
C ASN A 198 8.96 -31.11 -15.16
N VAL A 199 8.06 -30.33 -15.74
CA VAL A 199 7.00 -29.60 -15.07
C VAL A 199 5.59 -30.19 -15.19
N LEU A 200 4.94 -30.44 -14.06
CA LEU A 200 3.56 -30.92 -14.06
C LEU A 200 2.76 -29.64 -13.90
N ILE A 201 1.92 -29.32 -14.89
CA ILE A 201 1.10 -28.10 -14.80
C ILE A 201 -0.22 -28.45 -14.13
N ILE A 202 -0.65 -27.59 -13.23
CA ILE A 202 -1.89 -27.84 -12.50
C ILE A 202 -2.75 -26.59 -12.43
N ASP A 203 -4.04 -26.75 -12.66
CA ASP A 203 -4.94 -25.64 -12.55
C ASP A 203 -6.33 -26.06 -12.11
N ASP A 204 -7.08 -25.10 -11.61
CA ASP A 204 -8.42 -25.37 -11.12
C ASP A 204 -9.47 -25.53 -12.20
N PHE A 205 -9.47 -24.60 -13.15
CA PHE A 205 -10.48 -24.61 -14.21
C PHE A 205 -9.94 -24.19 -15.56
N MET A 206 -10.14 -25.02 -16.57
CA MET A 206 -9.66 -24.72 -17.92
C MET A 206 -10.89 -24.49 -18.77
N LYS A 207 -11.12 -23.22 -19.13
CA LYS A 207 -12.28 -22.90 -19.95
C LYS A 207 -11.84 -22.76 -21.41
N ALA A 208 -11.10 -21.70 -21.69
CA ALA A 208 -10.63 -21.46 -23.05
C ALA A 208 -9.39 -22.26 -23.39
N GLY A 209 -8.49 -22.42 -22.41
CA GLY A 209 -7.26 -23.16 -22.65
C GLY A 209 -6.04 -22.25 -22.83
N GLY A 210 -6.28 -20.95 -22.92
CA GLY A 210 -5.19 -20.01 -23.12
C GLY A 210 -4.17 -19.98 -21.99
N THR A 211 -4.68 -19.92 -20.77
CA THR A 211 -3.82 -19.88 -19.59
C THR A 211 -2.82 -21.02 -19.58
N ILE A 212 -3.30 -22.25 -19.74
CA ILE A 212 -2.41 -23.41 -19.75
C ILE A 212 -1.50 -23.35 -20.97
N ASN A 213 -2.02 -22.84 -22.07
CA ASN A 213 -1.21 -22.74 -23.28
C ASN A 213 -0.09 -21.71 -23.02
N GLY A 214 -0.48 -20.60 -22.40
CA GLY A 214 0.49 -19.57 -22.06
C GLY A 214 1.54 -20.17 -21.16
N MET A 215 1.10 -20.96 -20.19
CA MET A 215 2.04 -21.59 -19.29
C MET A 215 2.93 -22.53 -20.06
N ILE A 216 2.39 -23.23 -21.05
CA ILE A 216 3.22 -24.15 -21.82
C ILE A 216 4.29 -23.40 -22.61
N ASN A 217 3.92 -22.22 -23.11
CA ASN A 217 4.86 -21.40 -23.88
C ASN A 217 5.94 -20.84 -22.97
N LEU A 218 5.51 -20.37 -21.80
CA LEU A 218 6.45 -19.83 -20.84
C LEU A 218 7.57 -20.84 -20.52
N LEU A 219 7.23 -22.13 -20.39
CA LEU A 219 8.25 -23.15 -20.10
C LEU A 219 9.30 -23.26 -21.18
N ASP A 220 8.93 -22.84 -22.39
CA ASP A 220 9.81 -22.86 -23.55
C ASP A 220 11.01 -22.03 -23.13
N GLU A 221 10.71 -20.82 -22.66
CA GLU A 221 11.69 -19.86 -22.20
C GLU A 221 12.65 -20.40 -21.15
N PHE A 222 12.44 -21.63 -20.67
CA PHE A 222 13.32 -22.25 -19.68
C PHE A 222 13.84 -23.60 -20.16
N ASN A 223 13.61 -23.93 -21.43
CA ASN A 223 14.04 -25.23 -21.93
C ASN A 223 13.34 -26.26 -21.03
N ALA A 224 12.10 -25.96 -20.62
CA ALA A 224 11.34 -26.84 -19.75
C ALA A 224 10.46 -27.81 -20.54
N ASN A 225 10.27 -29.01 -19.99
CA ASN A 225 9.45 -30.02 -20.63
C ASN A 225 8.17 -30.33 -19.84
N VAL A 226 7.02 -30.11 -20.48
CA VAL A 226 5.73 -30.39 -19.87
C VAL A 226 5.59 -31.88 -19.59
N ALA A 227 5.64 -32.25 -18.31
CA ALA A 227 5.52 -33.65 -17.89
C ALA A 227 4.08 -34.11 -17.81
N GLY A 228 3.16 -33.15 -17.70
CA GLY A 228 1.75 -33.47 -17.60
C GLY A 228 0.95 -32.25 -17.25
N ILE A 229 -0.35 -32.33 -17.49
CA ILE A 229 -1.24 -31.24 -17.20
C ILE A 229 -2.46 -31.82 -16.51
N GLY A 230 -2.80 -31.21 -15.38
CA GLY A 230 -3.96 -31.66 -14.64
C GLY A 230 -4.86 -30.52 -14.22
N VAL A 231 -6.15 -30.65 -14.51
CA VAL A 231 -7.09 -29.62 -14.09
C VAL A 231 -8.25 -30.25 -13.37
N LEU A 232 -8.78 -29.51 -12.41
CA LEU A 232 -9.91 -29.98 -11.62
C LEU A 232 -11.16 -30.04 -12.48
N VAL A 233 -11.45 -28.92 -13.12
CA VAL A 233 -12.63 -28.78 -13.99
C VAL A 233 -12.30 -28.29 -15.40
N GLU A 234 -12.85 -28.93 -16.43
CA GLU A 234 -12.63 -28.44 -17.78
C GLU A 234 -13.99 -28.07 -18.36
N ALA A 235 -14.06 -26.88 -18.96
CA ALA A 235 -15.31 -26.44 -19.55
C ALA A 235 -15.62 -27.34 -20.74
N GLU A 236 -16.88 -27.73 -20.91
CA GLU A 236 -17.26 -28.56 -22.03
C GLU A 236 -16.80 -27.88 -23.32
N GLY A 237 -16.09 -28.62 -24.16
CA GLY A 237 -15.62 -28.06 -25.42
C GLY A 237 -14.30 -27.30 -25.36
N VAL A 238 -13.25 -27.97 -24.88
CA VAL A 238 -11.93 -27.36 -24.78
C VAL A 238 -10.89 -28.30 -25.36
N ASP A 239 -11.27 -29.57 -25.55
CA ASP A 239 -10.37 -30.57 -26.09
C ASP A 239 -10.20 -30.41 -27.61
N GLU A 240 -10.09 -29.15 -28.05
CA GLU A 240 -9.93 -28.81 -29.46
C GLU A 240 -9.26 -27.46 -29.44
N ARG A 241 -8.86 -27.04 -28.24
CA ARG A 241 -8.22 -25.76 -27.99
C ARG A 241 -6.84 -26.01 -27.39
N LEU A 242 -6.49 -27.29 -27.24
CA LEU A 242 -5.22 -27.68 -26.66
C LEU A 242 -4.74 -28.96 -27.32
N VAL A 243 -3.51 -28.94 -27.86
CA VAL A 243 -2.95 -30.11 -28.54
C VAL A 243 -2.23 -30.97 -27.53
N ASP A 244 -2.06 -30.41 -26.35
CA ASP A 244 -1.36 -31.10 -25.28
C ASP A 244 -2.28 -32.03 -24.52
N GLU A 245 -1.75 -33.18 -24.13
CA GLU A 245 -2.55 -34.12 -23.34
C GLU A 245 -2.74 -33.56 -21.93
N TYR A 246 -3.97 -33.62 -21.44
CA TYR A 246 -4.23 -33.17 -20.09
C TYR A 246 -5.26 -34.07 -19.45
N MET A 247 -5.25 -34.07 -18.13
CA MET A 247 -6.23 -34.85 -17.43
C MET A 247 -7.12 -33.91 -16.63
N SER A 248 -8.40 -34.19 -16.67
CA SER A 248 -9.37 -33.37 -15.95
C SER A 248 -10.23 -34.29 -15.06
N LEU A 249 -10.68 -33.79 -13.92
CA LEU A 249 -11.51 -34.62 -13.05
C LEU A 249 -12.98 -34.48 -13.43
N LEU A 250 -13.40 -33.26 -13.71
CA LEU A 250 -14.80 -32.97 -14.04
C LEU A 250 -14.99 -32.13 -15.30
N THR A 251 -16.14 -32.31 -15.93
CA THR A 251 -16.51 -31.57 -17.14
C THR A 251 -17.72 -30.70 -16.82
N LEU A 252 -17.56 -29.39 -16.99
CA LEU A 252 -18.62 -28.44 -16.71
C LEU A 252 -19.29 -27.98 -17.99
N SER A 253 -20.49 -28.52 -18.26
CA SER A 253 -21.25 -28.15 -19.45
C SER A 253 -21.84 -26.76 -19.30
N THR A 254 -21.52 -25.89 -20.26
CA THR A 254 -21.99 -24.49 -20.27
C THR A 254 -23.19 -24.24 -19.36
N ILE A 255 -22.89 -23.77 -18.15
CA ILE A 255 -23.93 -23.49 -17.15
C ILE A 255 -25.12 -22.79 -17.80
N ASN A 256 -26.32 -23.16 -17.36
CA ASN A 256 -27.55 -22.58 -17.89
C ASN A 256 -27.71 -21.13 -17.47
N MET A 257 -27.22 -20.23 -18.31
CA MET A 257 -27.29 -18.79 -18.07
C MET A 257 -28.59 -18.34 -17.41
N LYS A 258 -29.68 -18.36 -18.18
CA LYS A 258 -31.00 -17.93 -17.72
C LYS A 258 -31.68 -18.96 -16.81
N GLU A 259 -31.52 -20.24 -17.13
CA GLU A 259 -32.12 -21.29 -16.33
C GLU A 259 -31.19 -21.67 -15.19
N LYS A 260 -31.72 -21.76 -13.97
CA LYS A 260 -30.89 -22.12 -12.81
C LYS A 260 -30.53 -23.59 -12.72
N SER A 261 -29.77 -24.07 -13.70
CA SER A 261 -29.31 -25.46 -13.76
C SER A 261 -27.83 -25.50 -14.12
N ILE A 262 -27.19 -26.61 -13.80
CA ILE A 262 -25.77 -26.78 -14.07
C ILE A 262 -25.46 -28.25 -14.33
N GLU A 263 -24.70 -28.50 -15.40
CA GLU A 263 -24.34 -29.87 -15.75
C GLU A 263 -22.88 -30.15 -15.44
N ILE A 264 -22.66 -31.24 -14.72
CA ILE A 264 -21.31 -31.66 -14.37
C ILE A 264 -21.19 -33.15 -14.66
N GLN A 265 -20.11 -33.54 -15.32
CA GLN A 265 -19.91 -34.96 -15.59
C GLN A 265 -18.45 -35.30 -15.36
N ASN A 266 -18.15 -36.59 -15.29
CA ASN A 266 -16.77 -36.98 -15.12
C ASN A 266 -15.93 -36.27 -16.18
N GLY A 267 -14.67 -36.04 -15.86
CA GLY A 267 -13.78 -35.44 -16.83
C GLY A 267 -13.17 -36.65 -17.53
N ASN A 268 -11.98 -36.52 -18.11
CA ASN A 268 -11.38 -37.64 -18.82
C ASN A 268 -10.44 -38.49 -17.97
N PHE A 269 -10.41 -38.29 -16.65
CA PHE A 269 -9.43 -39.03 -15.82
C PHE A 269 -9.41 -40.55 -15.92
N LEU A 270 -10.53 -41.17 -16.26
CA LEU A 270 -10.52 -42.63 -16.37
C LEU A 270 -9.55 -43.12 -17.44
N ARG A 271 -9.30 -42.30 -18.46
CA ARG A 271 -8.36 -42.70 -19.51
C ARG A 271 -6.98 -42.89 -18.94
N PHE A 272 -6.69 -42.23 -17.82
CA PHE A 272 -5.36 -42.34 -17.25
C PHE A 272 -5.21 -43.46 -16.24
N PHE A 273 -6.26 -44.24 -16.03
CA PHE A 273 -6.14 -45.36 -15.10
C PHE A 273 -5.91 -46.62 -15.91
N LYS A 274 -6.33 -47.78 -15.42
CA LYS A 274 -6.07 -48.99 -16.19
C LYS A 274 -6.89 -49.20 -17.46
N ASP A 275 -6.54 -48.35 -18.41
CA ASP A 275 -7.07 -48.32 -19.76
C ASP A 275 -5.75 -48.15 -20.49
N ASN A 276 -4.72 -47.99 -19.67
CA ASN A 276 -3.36 -47.84 -20.14
C ASN A 276 -2.80 -49.25 -20.38
N MET B 1 -13.15 -57.53 6.40
CA MET B 1 -11.93 -58.34 6.35
C MET B 1 -10.98 -58.03 7.52
N LYS B 2 -10.81 -59.03 8.39
CA LYS B 2 -9.95 -58.89 9.54
C LYS B 2 -8.47 -58.74 9.18
N PHE B 3 -7.81 -57.84 9.90
CA PHE B 3 -6.36 -57.65 9.75
C PHE B 3 -5.85 -58.12 11.08
N ARG B 4 -4.65 -58.66 11.11
CA ARG B 4 -4.05 -59.03 12.37
C ARG B 4 -3.40 -57.68 12.90
N ARG B 5 -2.88 -57.68 14.12
CA ARG B 5 -2.28 -56.48 14.71
C ARG B 5 -1.36 -55.67 13.73
N SER B 6 -0.40 -56.32 13.12
CA SER B 6 0.53 -55.65 12.23
C SER B 6 -0.16 -54.83 11.14
N GLY B 7 -1.11 -55.45 10.45
CA GLY B 7 -1.85 -54.74 9.42
C GLY B 7 -2.70 -53.63 10.02
N ARG B 8 -3.29 -53.85 11.22
CA ARG B 8 -4.09 -52.80 11.81
C ARG B 8 -3.21 -51.61 12.20
N LEU B 9 -2.04 -51.89 12.78
CA LEU B 9 -1.16 -50.81 13.21
C LEU B 9 -0.82 -49.93 12.05
N VAL B 10 -0.48 -50.56 10.92
CA VAL B 10 -0.13 -49.80 9.74
C VAL B 10 -1.28 -48.98 9.21
N ASP B 11 -2.45 -49.58 9.08
CA ASP B 11 -3.59 -48.86 8.54
C ASP B 11 -4.06 -47.73 9.50
N LEU B 12 -4.15 -48.04 10.79
CA LEU B 12 -4.50 -47.06 11.83
C LEU B 12 -3.52 -45.89 11.79
N THR B 13 -2.23 -46.18 11.62
CA THR B 13 -1.25 -45.10 11.58
C THR B 13 -1.55 -44.21 10.39
N ASN B 14 -1.80 -44.80 9.22
CA ASN B 14 -2.12 -43.99 8.05
C ASN B 14 -3.42 -43.19 8.27
N TYR B 15 -4.42 -43.87 8.81
CA TYR B 15 -5.73 -43.24 9.00
C TYR B 15 -5.64 -42.07 9.98
N LEU B 16 -4.92 -42.26 11.08
CA LEU B 16 -4.78 -41.20 12.06
C LEU B 16 -4.01 -40.04 11.47
N LEU B 17 -2.89 -40.33 10.80
CA LEU B 17 -2.06 -39.28 10.22
C LEU B 17 -2.81 -38.48 9.19
N THR B 18 -3.77 -39.09 8.52
CA THR B 18 -4.51 -38.35 7.52
C THR B 18 -5.81 -37.78 8.02
N HIS B 19 -6.15 -38.02 9.29
CA HIS B 19 -7.37 -37.40 9.87
C HIS B 19 -7.03 -36.73 11.22
N PRO B 20 -6.06 -35.81 11.23
CA PRO B 20 -5.69 -35.12 12.49
C PRO B 20 -6.85 -34.31 13.07
N HIS B 21 -6.90 -34.13 14.39
CA HIS B 21 -7.95 -33.32 15.05
C HIS B 21 -9.36 -33.72 14.73
N GLU B 22 -9.57 -35.01 14.63
CA GLU B 22 -10.88 -35.54 14.40
C GLU B 22 -11.09 -36.63 15.44
N LEU B 23 -12.22 -36.57 16.13
CA LEU B 23 -12.50 -37.56 17.16
C LEU B 23 -13.04 -38.76 16.43
N ILE B 24 -12.31 -39.87 16.45
CA ILE B 24 -12.78 -41.06 15.74
C ILE B 24 -13.29 -42.12 16.71
N PRO B 25 -14.57 -42.50 16.60
CA PRO B 25 -15.20 -43.50 17.46
C PRO B 25 -14.43 -44.80 17.34
N LEU B 26 -14.21 -45.45 18.46
CA LEU B 26 -13.53 -46.73 18.51
C LEU B 26 -14.32 -47.65 17.60
N THR B 27 -15.63 -47.40 17.58
CA THR B 27 -16.56 -48.17 16.78
C THR B 27 -16.22 -48.18 15.30
N PHE B 28 -15.71 -47.05 14.80
CA PHE B 28 -15.38 -46.95 13.38
C PHE B 28 -14.25 -47.93 13.07
N PHE B 29 -13.28 -47.98 13.97
CA PHE B 29 -12.14 -48.88 13.78
C PHE B 29 -12.48 -50.35 14.03
N SER B 30 -13.29 -50.64 15.04
CA SER B 30 -13.65 -52.03 15.32
C SER B 30 -14.37 -52.59 14.10
N GLU B 31 -15.21 -51.78 13.48
CA GLU B 31 -15.92 -52.26 12.30
C GLU B 31 -15.01 -52.30 11.09
N ARG B 32 -14.07 -51.35 11.00
CA ARG B 32 -13.16 -51.30 9.88
C ARG B 32 -12.27 -52.53 9.83
N TYR B 33 -11.87 -53.03 10.99
CA TYR B 33 -10.98 -54.17 11.02
C TYR B 33 -11.68 -55.43 11.53
N GLU B 34 -12.99 -55.33 11.72
CA GLU B 34 -13.79 -56.45 12.24
C GLU B 34 -13.06 -57.03 13.44
N SER B 35 -12.58 -56.15 14.31
CA SER B 35 -11.84 -56.54 15.51
C SER B 35 -12.53 -56.01 16.77
N ALA B 36 -12.22 -56.61 17.90
CA ALA B 36 -12.81 -56.17 19.17
C ALA B 36 -12.30 -54.78 19.55
N LYS B 37 -13.18 -53.99 20.16
CA LYS B 37 -12.83 -52.66 20.63
C LYS B 37 -11.56 -52.74 21.46
N SER B 38 -11.47 -53.77 22.29
CA SER B 38 -10.31 -53.95 23.15
C SER B 38 -9.00 -54.13 22.40
N SER B 39 -9.02 -54.76 21.23
CA SER B 39 -7.78 -54.93 20.45
C SER B 39 -7.37 -53.58 19.86
N ILE B 40 -8.36 -52.84 19.37
CA ILE B 40 -8.12 -51.52 18.81
C ILE B 40 -7.45 -50.66 19.90
N SER B 41 -8.06 -50.59 21.08
CA SER B 41 -7.51 -49.80 22.19
C SER B 41 -6.06 -50.19 22.43
N GLU B 42 -5.80 -51.48 22.41
CA GLU B 42 -4.44 -51.95 22.59
C GLU B 42 -3.55 -51.42 21.45
N ASP B 43 -4.05 -51.47 20.21
CA ASP B 43 -3.26 -50.97 19.09
C ASP B 43 -3.00 -49.45 19.30
N LEU B 44 -4.03 -48.71 19.73
CA LEU B 44 -3.89 -47.26 19.91
C LEU B 44 -2.82 -46.90 20.97
N THR B 45 -2.72 -47.73 22.01
CA THR B 45 -1.71 -47.50 23.06
C THR B 45 -0.33 -47.63 22.42
N ILE B 46 -0.20 -48.60 21.53
CA ILE B 46 1.10 -48.76 20.87
C ILE B 46 1.41 -47.53 20.03
N ILE B 47 0.42 -47.09 19.25
CA ILE B 47 0.62 -45.91 18.41
C ILE B 47 0.86 -44.64 19.26
N LYS B 48 0.04 -44.46 20.29
CA LYS B 48 0.17 -43.28 21.16
C LYS B 48 1.59 -43.22 21.68
N GLN B 49 2.09 -44.35 22.15
CA GLN B 49 3.44 -44.39 22.70
C GLN B 49 4.52 -44.11 21.66
N THR B 50 4.37 -44.65 20.45
CA THR B 50 5.35 -44.40 19.40
C THR B 50 5.23 -42.94 18.90
N PHE B 51 4.02 -42.46 18.74
CA PHE B 51 3.83 -41.08 18.28
C PHE B 51 4.55 -40.10 19.26
N GLU B 52 4.39 -40.32 20.58
CA GLU B 52 5.03 -39.43 21.56
C GLU B 52 6.53 -39.57 21.54
N GLN B 53 6.99 -40.80 21.49
CA GLN B 53 8.41 -41.04 21.49
C GLN B 53 9.08 -40.47 20.24
N GLN B 54 8.44 -40.58 19.09
CA GLN B 54 9.05 -40.10 17.86
C GLN B 54 8.79 -38.63 17.58
N GLY B 55 8.03 -37.96 18.44
CA GLY B 55 7.78 -36.55 18.21
C GLY B 55 6.78 -36.29 17.10
N ILE B 56 5.90 -37.26 16.88
CA ILE B 56 4.88 -37.15 15.86
C ILE B 56 3.67 -36.42 16.42
N GLY B 57 3.29 -36.74 17.65
CA GLY B 57 2.16 -36.05 18.22
C GLY B 57 1.53 -36.80 19.36
N THR B 58 0.34 -36.37 19.74
CA THR B 58 -0.40 -36.94 20.84
C THR B 58 -1.63 -37.67 20.31
N LEU B 59 -1.98 -38.77 20.97
CA LEU B 59 -3.18 -39.50 20.64
C LEU B 59 -4.01 -39.30 21.92
N LEU B 60 -5.15 -38.64 21.83
CA LEU B 60 -5.99 -38.44 22.99
C LEU B 60 -7.09 -39.45 22.89
N THR B 61 -7.29 -40.18 23.97
CA THR B 61 -8.29 -41.19 23.98
C THR B 61 -9.43 -40.86 24.93
N VAL B 62 -10.65 -41.12 24.48
CA VAL B 62 -11.88 -40.94 25.24
C VAL B 62 -12.33 -42.38 25.41
N PRO B 63 -12.38 -42.86 26.66
CA PRO B 63 -12.79 -44.25 26.97
C PRO B 63 -14.24 -44.65 26.76
N GLY B 64 -14.50 -45.93 26.96
CA GLY B 64 -15.86 -46.43 26.80
C GLY B 64 -16.15 -46.96 25.41
N ALA B 65 -17.18 -47.79 25.31
CA ALA B 65 -17.56 -48.36 24.04
C ALA B 65 -17.92 -47.25 23.08
N ALA B 66 -18.35 -46.11 23.65
CA ALA B 66 -18.72 -44.94 22.85
C ALA B 66 -17.53 -43.98 22.75
N GLY B 67 -16.38 -44.41 23.25
CA GLY B 67 -15.19 -43.58 23.21
C GLY B 67 -14.58 -43.44 21.81
N GLY B 68 -13.41 -42.82 21.78
CA GLY B 68 -12.76 -42.59 20.52
C GLY B 68 -11.38 -42.08 20.72
N VAL B 69 -10.75 -41.74 19.62
CA VAL B 69 -9.39 -41.28 19.70
C VAL B 69 -9.24 -40.09 18.76
N LYS B 70 -8.33 -39.20 19.12
CA LYS B 70 -8.07 -38.03 18.33
C LYS B 70 -6.55 -37.86 18.24
N TYR B 71 -6.04 -37.70 17.03
CA TYR B 71 -4.63 -37.51 16.87
C TYR B 71 -4.35 -36.01 16.84
N ILE B 72 -3.39 -35.59 17.64
CA ILE B 72 -3.03 -34.18 17.69
C ILE B 72 -1.58 -34.03 17.27
N PRO B 73 -1.34 -33.43 16.09
CA PRO B 73 0.03 -33.24 15.63
C PRO B 73 0.69 -32.30 16.64
N LYS B 74 1.89 -32.62 17.07
CA LYS B 74 2.58 -31.77 18.02
C LYS B 74 4.05 -31.89 17.70
N MET B 75 4.76 -30.79 17.85
CA MET B 75 6.18 -30.78 17.58
C MET B 75 6.94 -30.57 18.89
N LYS B 76 7.97 -31.37 19.13
CA LYS B 76 8.78 -31.22 20.35
C LYS B 76 9.61 -29.93 20.23
N GLN B 77 9.82 -29.25 21.35
CA GLN B 77 10.60 -28.03 21.34
C GLN B 77 11.96 -28.22 20.71
N ALA B 78 12.64 -29.31 21.04
CA ALA B 78 13.95 -29.51 20.46
C ALA B 78 13.90 -29.51 18.92
N GLU B 79 12.90 -30.17 18.33
CA GLU B 79 12.84 -30.18 16.87
C GLU B 79 12.45 -28.80 16.35
N ALA B 80 11.57 -28.12 17.07
CA ALA B 80 11.16 -26.80 16.64
C ALA B 80 12.40 -25.87 16.61
N GLU B 81 13.19 -25.88 17.68
CA GLU B 81 14.37 -25.03 17.73
C GLU B 81 15.36 -25.35 16.64
N GLU B 82 15.61 -26.64 16.42
CA GLU B 82 16.55 -27.02 15.37
C GLU B 82 16.03 -26.61 13.99
N PHE B 83 14.75 -26.87 13.74
CA PHE B 83 14.18 -26.52 12.44
C PHE B 83 14.28 -25.01 12.19
N VAL B 84 13.88 -24.23 13.19
CA VAL B 84 13.92 -22.76 13.05
C VAL B 84 15.35 -22.25 12.83
N GLN B 85 16.33 -22.79 13.55
CA GLN B 85 17.71 -22.36 13.36
C GLN B 85 18.14 -22.64 11.93
N THR B 86 17.94 -23.87 11.50
CA THR B 86 18.28 -24.23 10.14
C THR B 86 17.65 -23.30 9.12
N LEU B 87 16.36 -23.03 9.31
CA LEU B 87 15.61 -22.18 8.38
C LEU B 87 16.13 -20.74 8.42
N GLY B 88 16.47 -20.28 9.62
CA GLY B 88 16.99 -18.93 9.77
C GLY B 88 18.32 -18.80 9.04
N GLN B 89 19.22 -19.75 9.23
CA GLN B 89 20.51 -19.72 8.57
C GLN B 89 20.32 -19.63 7.06
N SER B 90 19.37 -20.39 6.56
CA SER B 90 19.07 -20.43 5.15
C SER B 90 18.60 -19.08 4.61
N LEU B 91 17.88 -18.33 5.43
CA LEU B 91 17.36 -17.03 4.99
C LEU B 91 18.37 -15.90 5.17
N ALA B 92 19.30 -16.07 6.11
CA ALA B 92 20.32 -15.07 6.40
C ALA B 92 21.39 -15.01 5.31
N ASN B 93 20.94 -14.98 4.05
CA ASN B 93 21.82 -14.91 2.92
C ASN B 93 21.58 -13.60 2.17
N PRO B 94 22.62 -12.74 2.10
CA PRO B 94 22.55 -11.44 1.44
C PRO B 94 21.90 -11.47 0.08
N GLU B 95 22.00 -12.59 -0.62
CA GLU B 95 21.39 -12.69 -1.94
C GLU B 95 19.86 -12.64 -1.89
N ARG B 96 19.31 -12.74 -0.68
CA ARG B 96 17.86 -12.69 -0.50
C ARG B 96 17.41 -11.27 -0.20
N ILE B 97 18.36 -10.38 0.11
CA ILE B 97 18.02 -9.00 0.41
C ILE B 97 17.17 -8.41 -0.70
N LEU B 98 16.02 -7.88 -0.34
CA LEU B 98 15.12 -7.29 -1.33
C LEU B 98 14.88 -5.82 -1.03
N PRO B 99 14.55 -5.04 -2.07
CA PRO B 99 14.30 -3.61 -1.91
C PRO B 99 13.20 -3.32 -0.87
N GLY B 100 13.43 -2.34 -0.01
CA GLY B 100 12.43 -1.99 0.98
C GLY B 100 12.64 -2.62 2.33
N GLY B 101 13.59 -3.54 2.42
CA GLY B 101 13.85 -4.20 3.68
C GLY B 101 13.12 -5.53 3.75
N TYR B 102 12.83 -6.11 2.59
CA TYR B 102 12.15 -7.40 2.49
C TYR B 102 13.14 -8.53 2.17
N VAL B 103 12.70 -9.77 2.39
CA VAL B 103 13.56 -10.93 2.13
C VAL B 103 12.94 -11.83 1.08
N TYR B 104 13.79 -12.40 0.23
CA TYR B 104 13.32 -13.29 -0.82
C TYR B 104 13.03 -14.64 -0.16
N LEU B 105 11.77 -15.07 -0.23
CA LEU B 105 11.34 -16.31 0.37
C LEU B 105 10.76 -17.33 -0.62
N THR B 106 10.45 -16.87 -1.83
CA THR B 106 9.85 -17.73 -2.85
C THR B 106 10.33 -19.18 -2.95
N ASP B 107 11.63 -19.40 -2.93
CA ASP B 107 12.14 -20.76 -3.01
C ASP B 107 11.75 -21.59 -1.79
N ILE B 108 12.01 -21.09 -0.58
CA ILE B 108 11.65 -21.84 0.63
C ILE B 108 10.14 -22.11 0.71
N LEU B 109 9.35 -21.15 0.28
CA LEU B 109 7.90 -21.33 0.31
C LEU B 109 7.40 -22.24 -0.82
N GLY B 110 8.28 -22.62 -1.74
CA GLY B 110 7.87 -23.46 -2.83
C GLY B 110 8.07 -24.91 -2.45
N LYS B 111 8.71 -25.15 -1.31
CA LYS B 111 9.02 -26.50 -0.84
C LYS B 111 8.05 -27.13 0.16
N PRO B 112 7.22 -28.09 -0.31
CA PRO B 112 6.29 -28.73 0.64
C PRO B 112 6.98 -29.26 1.89
N SER B 113 8.24 -29.70 1.78
CA SER B 113 8.94 -30.22 2.94
C SER B 113 9.11 -29.16 4.04
N VAL B 114 9.49 -27.94 3.66
CA VAL B 114 9.63 -26.85 4.63
C VAL B 114 8.25 -26.43 5.13
N LEU B 115 7.29 -26.25 4.22
CA LEU B 115 5.94 -25.85 4.59
C LEU B 115 5.31 -26.83 5.55
N SER B 116 5.71 -28.09 5.44
CA SER B 116 5.15 -29.12 6.28
C SER B 116 5.58 -28.89 7.72
N LYS B 117 6.86 -28.57 7.88
CA LYS B 117 7.43 -28.31 9.18
C LYS B 117 6.82 -27.05 9.77
N VAL B 118 6.74 -26.00 8.96
CA VAL B 118 6.19 -24.74 9.42
C VAL B 118 4.74 -24.96 9.82
N GLY B 119 3.99 -25.63 8.96
CA GLY B 119 2.60 -25.89 9.24
C GLY B 119 2.38 -26.68 10.51
N LYS B 120 3.22 -27.67 10.74
CA LYS B 120 3.09 -28.49 11.93
C LYS B 120 3.46 -27.67 13.19
N LEU B 121 4.44 -26.79 13.09
CA LEU B 121 4.85 -25.98 14.24
C LEU B 121 3.69 -25.04 14.59
N PHE B 122 3.08 -24.41 13.58
CA PHE B 122 1.91 -23.58 13.87
C PHE B 122 0.80 -24.45 14.47
N ALA B 123 0.56 -25.62 13.87
CA ALA B 123 -0.51 -26.50 14.34
C ALA B 123 -0.24 -26.93 15.76
N SER B 124 1.02 -27.22 16.05
CA SER B 124 1.39 -27.64 17.37
C SER B 124 1.09 -26.54 18.42
N VAL B 125 1.64 -25.35 18.18
CA VAL B 125 1.47 -24.19 19.05
C VAL B 125 -0.01 -23.87 19.28
N PHE B 126 -0.80 -23.93 18.23
CA PHE B 126 -2.21 -23.62 18.38
C PHE B 126 -3.14 -24.82 18.50
N ALA B 127 -2.57 -25.97 18.87
CA ALA B 127 -3.34 -27.22 18.99
C ALA B 127 -4.56 -27.11 19.87
N GLU B 128 -4.44 -26.40 20.98
CA GLU B 128 -5.55 -26.33 21.89
C GLU B 128 -6.50 -25.19 21.70
N ARG B 129 -6.25 -24.35 20.71
CA ARG B 129 -7.15 -23.23 20.45
C ARG B 129 -8.30 -23.88 19.72
N GLU B 130 -9.50 -23.34 19.81
CA GLU B 130 -10.57 -23.99 19.10
C GLU B 130 -10.65 -23.27 17.77
N ILE B 131 -9.95 -23.82 16.80
CA ILE B 131 -9.90 -23.19 15.52
C ILE B 131 -10.95 -23.74 14.59
N ASP B 132 -11.68 -22.83 13.93
CA ASP B 132 -12.69 -23.23 12.98
C ASP B 132 -12.16 -23.03 11.57
N VAL B 133 -11.20 -22.13 11.40
CA VAL B 133 -10.70 -21.83 10.06
C VAL B 133 -9.37 -21.10 10.09
N VAL B 134 -8.60 -21.24 9.02
CA VAL B 134 -7.35 -20.54 8.94
C VAL B 134 -7.55 -19.48 7.86
N MET B 135 -7.07 -18.27 8.11
CA MET B 135 -7.19 -17.17 7.15
C MET B 135 -5.82 -16.58 6.89
N THR B 136 -5.62 -16.12 5.67
CA THR B 136 -4.40 -15.43 5.28
C THR B 136 -4.84 -14.54 4.11
N VAL B 137 -3.89 -13.83 3.51
CA VAL B 137 -4.23 -12.97 2.39
C VAL B 137 -3.35 -13.35 1.20
N ALA B 138 -3.92 -13.27 0.00
CA ALA B 138 -3.16 -13.60 -1.20
C ALA B 138 -1.93 -12.68 -1.27
N THR B 139 -0.79 -13.22 -1.70
CA THR B 139 -0.69 -14.61 -2.11
C THR B 139 0.43 -15.41 -1.41
N LYS B 140 1.48 -14.72 -0.97
CA LYS B 140 2.59 -15.43 -0.36
C LYS B 140 2.28 -16.31 0.84
N GLY B 141 1.26 -15.96 1.61
CA GLY B 141 0.96 -16.76 2.77
C GLY B 141 0.06 -17.96 2.55
N ILE B 142 -0.53 -18.04 1.36
CA ILE B 142 -1.47 -19.09 1.05
C ILE B 142 -0.95 -20.48 1.37
N PRO B 143 0.24 -20.85 0.85
CA PRO B 143 0.77 -22.17 1.16
C PRO B 143 1.01 -22.39 2.66
N LEU B 144 1.39 -21.34 3.40
CA LEU B 144 1.60 -21.50 4.85
C LEU B 144 0.26 -21.77 5.49
N ALA B 145 -0.76 -21.06 5.04
CA ALA B 145 -2.11 -21.25 5.58
C ALA B 145 -2.59 -22.68 5.34
N TYR B 146 -2.46 -23.18 4.11
CA TYR B 146 -2.92 -24.57 3.86
C TYR B 146 -2.11 -25.58 4.68
N ALA B 147 -0.80 -25.35 4.83
CA ALA B 147 -0.01 -26.29 5.62
C ALA B 147 -0.53 -26.34 7.05
N ALA B 148 -0.77 -25.18 7.63
CA ALA B 148 -1.25 -25.21 9.00
C ALA B 148 -2.66 -25.78 9.08
N ALA B 149 -3.50 -25.42 8.12
CA ALA B 149 -4.89 -25.89 8.12
C ALA B 149 -4.99 -27.42 7.97
N SER B 150 -4.08 -28.00 7.20
CA SER B 150 -4.12 -29.42 6.97
C SER B 150 -3.81 -30.17 8.29
N TYR B 151 -2.91 -29.66 9.12
CA TYR B 151 -2.67 -30.34 10.38
C TYR B 151 -3.82 -30.13 11.35
N LEU B 152 -4.50 -29.01 11.21
CA LEU B 152 -5.57 -28.63 12.13
C LEU B 152 -6.94 -29.14 11.75
N ASN B 153 -7.11 -29.59 10.53
CA ASN B 153 -8.40 -30.09 10.07
C ASN B 153 -9.47 -29.01 10.00
N VAL B 154 -9.13 -27.90 9.37
CA VAL B 154 -10.06 -26.81 9.17
C VAL B 154 -9.83 -26.29 7.76
N PRO B 155 -10.83 -25.57 7.22
CA PRO B 155 -10.74 -25.00 5.88
C PRO B 155 -9.88 -23.73 5.89
N VAL B 156 -9.48 -23.30 4.71
CA VAL B 156 -8.69 -22.10 4.56
C VAL B 156 -9.57 -21.05 3.90
N VAL B 157 -9.37 -19.80 4.28
CA VAL B 157 -10.12 -18.68 3.70
C VAL B 157 -9.05 -17.72 3.23
N ILE B 158 -9.18 -17.26 2.00
CA ILE B 158 -8.17 -16.36 1.48
C ILE B 158 -8.74 -14.96 1.28
N VAL B 159 -8.17 -13.98 1.97
CA VAL B 159 -8.63 -12.61 1.84
C VAL B 159 -8.00 -12.04 0.56
N ARG B 160 -8.79 -11.34 -0.22
CA ARG B 160 -8.29 -10.76 -1.47
C ARG B 160 -7.98 -9.28 -1.34
N LYS B 161 -6.91 -8.86 -2.00
CA LYS B 161 -6.50 -7.47 -1.99
C LYS B 161 -7.15 -6.73 -3.17
N ASP B 162 -8.44 -6.99 -3.37
CA ASP B 162 -9.19 -6.38 -4.46
C ASP B 162 -10.67 -6.75 -4.35
N GLY B 168 -19.70 -11.66 -4.83
CA GLY B 168 -20.99 -11.58 -4.17
C GLY B 168 -21.01 -10.56 -3.05
N SER B 169 -21.99 -10.62 -2.14
CA SER B 169 -22.05 -9.68 -1.02
C SER B 169 -20.75 -9.78 -0.24
N THR B 170 -19.83 -8.88 -0.57
CA THR B 170 -18.51 -8.83 0.03
C THR B 170 -18.40 -7.84 1.19
N VAL B 171 -17.47 -8.12 2.09
CA VAL B 171 -17.20 -7.27 3.22
C VAL B 171 -15.83 -6.68 2.88
N SER B 172 -15.61 -5.40 3.14
CA SER B 172 -14.32 -4.78 2.83
C SER B 172 -13.80 -3.95 3.99
N ILE B 173 -12.48 -3.86 4.07
CA ILE B 173 -11.83 -3.14 5.15
C ILE B 173 -10.68 -2.39 4.54
N ASN B 174 -10.32 -1.21 5.05
CA ASN B 174 -9.17 -0.53 4.47
C ASN B 174 -8.03 -0.83 5.43
N TYR B 175 -6.80 -0.83 4.94
CA TYR B 175 -5.69 -1.08 5.81
C TYR B 175 -4.45 -0.50 5.19
N VAL B 176 -3.40 -0.39 5.97
CA VAL B 176 -2.12 0.14 5.48
C VAL B 176 -1.07 -0.94 5.52
N SER B 177 -0.11 -0.90 4.60
CA SER B 177 0.96 -1.92 4.55
C SER B 177 2.30 -1.43 4.99
N GLY B 178 3.19 -2.39 5.23
CA GLY B 178 4.54 -2.09 5.67
C GLY B 178 5.41 -1.24 4.76
N SER B 179 5.20 -1.32 3.45
CA SER B 179 5.97 -0.53 2.49
C SER B 179 5.84 0.95 2.90
N SER B 180 5.24 1.12 4.07
CA SER B 180 4.98 2.42 4.69
C SER B 180 4.29 3.25 3.64
N ASN B 181 3.24 2.68 3.07
CA ASN B 181 2.49 3.29 1.99
C ASN B 181 1.13 3.84 2.36
N ARG B 182 0.22 3.75 1.38
CA ARG B 182 -1.14 4.25 1.52
C ARG B 182 -2.20 3.23 1.87
N ILE B 183 -3.42 3.74 1.96
CA ILE B 183 -4.58 2.96 2.30
C ILE B 183 -5.05 2.05 1.18
N GLN B 184 -5.09 0.75 1.48
CA GLN B 184 -5.54 -0.25 0.51
C GLN B 184 -6.77 -0.94 1.10
N THR B 185 -7.47 -1.70 0.26
CA THR B 185 -8.64 -2.40 0.76
C THR B 185 -8.52 -3.92 0.58
N MET B 186 -9.08 -4.66 1.52
CA MET B 186 -9.04 -6.12 1.43
C MET B 186 -10.47 -6.57 1.55
N SER B 187 -10.79 -7.65 0.88
CA SER B 187 -12.15 -8.14 0.94
C SER B 187 -12.22 -9.63 1.03
N LEU B 188 -13.38 -10.09 1.47
CA LEU B 188 -13.68 -11.49 1.61
C LEU B 188 -15.17 -11.61 1.38
N ALA B 189 -15.61 -12.58 0.57
CA ALA B 189 -17.04 -12.76 0.31
C ALA B 189 -17.74 -13.17 1.60
N LYS B 190 -18.94 -12.67 1.83
CA LYS B 190 -19.68 -12.97 3.05
C LYS B 190 -20.04 -14.46 3.24
N ARG B 191 -20.18 -15.17 2.12
CA ARG B 191 -20.52 -16.59 2.20
C ARG B 191 -19.25 -17.42 2.31
N SER B 192 -18.14 -16.77 2.66
CA SER B 192 -16.88 -17.48 2.78
C SER B 192 -16.58 -17.86 4.21
N MET B 193 -17.43 -17.44 5.13
CA MET B 193 -17.15 -17.77 6.50
C MET B 193 -18.31 -17.57 7.46
N LYS B 194 -18.52 -18.57 8.31
CA LYS B 194 -19.60 -18.54 9.29
C LYS B 194 -19.34 -17.49 10.36
N THR B 195 -20.42 -16.97 10.92
CA THR B 195 -20.35 -15.99 11.99
C THR B 195 -19.91 -16.70 13.26
N GLY B 196 -19.08 -16.04 14.05
CA GLY B 196 -18.60 -16.64 15.28
C GLY B 196 -17.42 -17.58 15.11
N SER B 197 -16.95 -17.72 13.87
CA SER B 197 -15.82 -18.59 13.59
C SER B 197 -14.60 -18.19 14.39
N ASN B 198 -13.84 -19.19 14.84
CA ASN B 198 -12.59 -18.93 15.57
C ASN B 198 -11.52 -19.10 14.51
N VAL B 199 -10.86 -17.98 14.21
CA VAL B 199 -9.89 -17.89 13.16
C VAL B 199 -8.41 -17.83 13.52
N LEU B 200 -7.59 -18.62 12.83
CA LEU B 200 -6.16 -18.58 13.06
C LEU B 200 -5.66 -17.78 11.87
N ILE B 201 -4.98 -16.67 12.12
CA ILE B 201 -4.48 -15.84 11.03
C ILE B 201 -3.06 -16.26 10.79
N ILE B 202 -2.70 -16.46 9.53
CA ILE B 202 -1.36 -16.89 9.18
C ILE B 202 -0.82 -16.02 8.04
N ASP B 203 0.44 -15.60 8.14
CA ASP B 203 1.00 -14.84 7.04
C ASP B 203 2.49 -15.08 7.00
N ASP B 204 3.10 -14.78 5.88
CA ASP B 204 4.53 -15.01 5.74
C ASP B 204 5.41 -13.98 6.41
N PHE B 205 5.03 -12.72 6.26
CA PHE B 205 5.84 -11.64 6.76
C PHE B 205 5.07 -10.52 7.41
N MET B 206 5.52 -10.11 8.58
CA MET B 206 4.90 -9.00 9.27
C MET B 206 5.95 -7.93 9.47
N LYS B 207 5.79 -6.83 8.73
CA LYS B 207 6.72 -5.71 8.81
C LYS B 207 6.13 -4.68 9.79
N ALA B 208 5.12 -3.96 9.34
CA ALA B 208 4.47 -2.94 10.16
C ALA B 208 3.35 -3.48 11.03
N GLY B 209 2.52 -4.38 10.47
CA GLY B 209 1.42 -4.95 11.22
C GLY B 209 0.05 -4.57 10.70
N GLY B 210 0.04 -3.76 9.64
CA GLY B 210 -1.21 -3.30 9.09
C GLY B 210 -1.99 -4.37 8.35
N THR B 211 -1.29 -5.28 7.70
CA THR B 211 -1.99 -6.33 6.97
C THR B 211 -2.74 -7.22 7.97
N ILE B 212 -2.04 -7.62 9.03
CA ILE B 212 -2.67 -8.44 10.04
C ILE B 212 -3.78 -7.69 10.79
N ASN B 213 -3.54 -6.41 11.10
CA ASN B 213 -4.58 -5.60 11.76
C ASN B 213 -5.75 -5.51 10.78
N GLY B 214 -5.44 -5.38 9.49
CA GLY B 214 -6.54 -5.35 8.54
C GLY B 214 -7.37 -6.63 8.61
N MET B 215 -6.71 -7.79 8.74
CA MET B 215 -7.48 -9.07 8.78
C MET B 215 -8.20 -9.19 10.09
N ILE B 216 -7.55 -8.78 11.17
CA ILE B 216 -8.20 -8.79 12.48
C ILE B 216 -9.46 -7.89 12.38
N ASN B 217 -9.37 -6.74 11.70
CA ASN B 217 -10.54 -5.88 11.61
C ASN B 217 -11.58 -6.48 10.71
N LEU B 218 -11.12 -7.13 9.66
CA LEU B 218 -12.05 -7.78 8.76
C LEU B 218 -12.89 -8.83 9.52
N LEU B 219 -12.29 -9.46 10.52
CA LEU B 219 -13.00 -10.48 11.29
C LEU B 219 -14.16 -9.91 12.09
N ASP B 220 -14.02 -8.68 12.56
CA ASP B 220 -15.09 -8.04 13.33
C ASP B 220 -16.32 -7.89 12.45
N GLU B 221 -16.13 -7.81 11.14
CA GLU B 221 -17.26 -7.68 10.24
C GLU B 221 -18.01 -8.99 10.13
N PHE B 222 -17.37 -10.09 10.54
CA PHE B 222 -18.00 -11.39 10.49
C PHE B 222 -18.34 -11.87 11.90
N ASN B 223 -18.13 -10.99 12.88
CA ASN B 223 -18.39 -11.34 14.27
C ASN B 223 -17.56 -12.55 14.65
N ALA B 224 -16.46 -12.75 13.92
CA ALA B 224 -15.54 -13.85 14.14
C ALA B 224 -14.49 -13.48 15.18
N ASN B 225 -13.83 -14.48 15.76
CA ASN B 225 -12.82 -14.23 16.77
C ASN B 225 -11.42 -14.63 16.33
N VAL B 226 -10.42 -13.88 16.80
CA VAL B 226 -9.06 -14.20 16.47
C VAL B 226 -8.67 -15.30 17.43
N ALA B 227 -8.42 -16.50 16.92
CA ALA B 227 -8.05 -17.60 17.78
C ALA B 227 -6.56 -17.64 17.97
N GLY B 228 -5.83 -17.10 17.00
CA GLY B 228 -4.38 -17.07 17.12
C GLY B 228 -3.78 -16.36 15.92
N ILE B 229 -2.49 -16.05 15.98
CA ILE B 229 -1.84 -15.36 14.86
C ILE B 229 -0.44 -15.91 14.70
N GLY B 230 -0.13 -16.42 13.52
CA GLY B 230 1.20 -16.93 13.31
C GLY B 230 1.83 -16.36 12.07
N VAL B 231 3.09 -15.96 12.15
CA VAL B 231 3.79 -15.46 10.99
C VAL B 231 5.15 -16.11 10.91
N LEU B 232 5.57 -16.35 9.69
CA LEU B 232 6.84 -16.97 9.45
C LEU B 232 7.96 -16.03 9.89
N VAL B 233 7.90 -14.78 9.45
CA VAL B 233 8.93 -13.78 9.79
C VAL B 233 8.35 -12.44 10.21
N GLU B 234 8.83 -11.91 11.34
CA GLU B 234 8.38 -10.60 11.77
C GLU B 234 9.58 -9.66 11.71
N ALA B 235 9.39 -8.48 11.13
CA ALA B 235 10.46 -7.49 11.04
C ALA B 235 10.71 -7.01 12.46
N GLU B 236 11.97 -6.73 12.78
CA GLU B 236 12.35 -6.28 14.10
C GLU B 236 11.53 -5.12 14.65
N GLY B 237 11.14 -5.24 15.92
CA GLY B 237 10.37 -4.21 16.59
C GLY B 237 8.99 -3.91 16.03
N VAL B 238 8.09 -4.89 16.10
CA VAL B 238 6.73 -4.70 15.61
C VAL B 238 5.73 -5.10 16.68
N ASP B 239 6.25 -5.68 17.78
CA ASP B 239 5.43 -6.10 18.91
C ASP B 239 4.62 -4.90 19.36
N GLU B 240 5.09 -3.75 18.92
CA GLU B 240 4.49 -2.46 19.23
C GLU B 240 3.20 -2.24 18.45
N ARG B 241 3.32 -2.20 17.13
CA ARG B 241 2.19 -1.94 16.25
C ARG B 241 1.07 -2.99 16.13
N LEU B 242 1.18 -4.10 16.87
CA LEU B 242 0.14 -5.11 16.83
C LEU B 242 -0.42 -5.30 18.23
N VAL B 243 -1.73 -5.12 18.37
CA VAL B 243 -2.36 -5.25 19.67
C VAL B 243 -2.52 -6.70 20.13
N ASP B 244 -2.84 -7.60 19.21
CA ASP B 244 -3.05 -9.00 19.59
C ASP B 244 -1.76 -9.81 19.66
N GLU B 245 -1.80 -10.85 20.49
CA GLU B 245 -0.68 -11.76 20.64
C GLU B 245 -0.49 -12.45 19.29
N TYR B 246 0.74 -12.74 18.91
CA TYR B 246 0.98 -13.42 17.66
C TYR B 246 2.23 -14.20 17.89
N MET B 247 2.46 -15.21 17.06
CA MET B 247 3.64 -16.03 17.19
C MET B 247 4.46 -15.90 15.89
N SER B 248 5.77 -15.87 16.03
CA SER B 248 6.64 -15.71 14.89
C SER B 248 7.74 -16.72 14.99
N LEU B 249 8.19 -17.24 13.85
CA LEU B 249 9.26 -18.23 13.91
C LEU B 249 10.58 -17.53 13.82
N LEU B 250 10.62 -16.45 13.05
CA LEU B 250 11.86 -15.72 12.84
C LEU B 250 11.70 -14.21 12.90
N THR B 251 12.80 -13.57 13.27
CA THR B 251 12.87 -12.11 13.36
C THR B 251 13.90 -11.58 12.39
N LEU B 252 13.46 -10.72 11.50
CA LEU B 252 14.35 -10.12 10.54
C LEU B 252 14.86 -8.84 11.19
N SER B 253 16.16 -8.77 11.51
CA SER B 253 16.72 -7.56 12.10
C SER B 253 16.97 -6.55 11.00
N THR B 254 16.44 -5.35 11.21
CA THR B 254 16.57 -4.26 10.24
C THR B 254 17.67 -4.49 9.20
N ILE B 255 17.25 -5.02 8.06
CA ILE B 255 18.14 -5.34 6.96
C ILE B 255 18.58 -4.06 6.24
N ASN B 256 19.70 -4.13 5.54
CA ASN B 256 20.24 -2.99 4.81
C ASN B 256 20.78 -3.41 3.44
N MET B 257 20.13 -2.92 2.39
CA MET B 257 20.50 -3.24 1.01
C MET B 257 21.86 -2.69 0.60
N LYS B 258 22.14 -1.44 0.99
CA LYS B 258 23.40 -0.78 0.65
C LYS B 258 24.60 -1.49 1.27
N GLU B 259 24.47 -1.88 2.53
CA GLU B 259 25.53 -2.59 3.23
C GLU B 259 25.46 -4.07 2.84
N LYS B 260 24.33 -4.45 2.24
CA LYS B 260 24.07 -5.83 1.84
C LYS B 260 24.23 -6.78 3.02
N SER B 261 23.73 -6.38 4.18
CA SER B 261 23.80 -7.20 5.38
C SER B 261 22.37 -7.61 5.75
N ILE B 262 22.25 -8.75 6.41
CA ILE B 262 20.96 -9.27 6.81
C ILE B 262 21.14 -10.15 8.04
N GLU B 263 20.44 -9.81 9.11
CA GLU B 263 20.52 -10.58 10.34
C GLU B 263 19.17 -11.23 10.61
N ILE B 264 19.19 -12.49 10.99
CA ILE B 264 17.97 -13.20 11.29
C ILE B 264 18.10 -13.97 12.58
N GLN B 265 17.18 -13.70 13.50
CA GLN B 265 17.17 -14.34 14.80
C GLN B 265 15.87 -15.11 14.97
N ASN B 266 15.78 -15.82 16.10
CA ASN B 266 14.59 -16.57 16.42
C ASN B 266 13.42 -15.62 16.64
N GLY B 267 12.25 -16.07 16.24
CA GLY B 267 11.04 -15.28 16.47
C GLY B 267 10.73 -15.53 17.93
N ASN B 268 9.49 -15.25 18.32
CA ASN B 268 9.12 -15.44 19.71
C ASN B 268 8.52 -16.81 20.01
N PHE B 269 8.52 -17.72 19.03
CA PHE B 269 7.89 -19.05 19.21
C PHE B 269 8.16 -19.82 20.49
N LEU B 270 9.38 -19.78 20.98
CA LEU B 270 9.69 -20.51 22.21
C LEU B 270 8.81 -20.09 23.39
N ARG B 271 8.27 -18.88 23.36
CA ARG B 271 7.39 -18.43 24.45
C ARG B 271 6.18 -19.34 24.53
N PHE B 272 5.81 -19.91 23.39
CA PHE B 272 4.64 -20.77 23.33
C PHE B 272 4.86 -22.20 23.75
N PHE B 273 6.10 -22.58 24.00
CA PHE B 273 6.40 -23.92 24.46
C PHE B 273 6.52 -23.95 25.98
N LYS B 274 5.96 -24.99 26.60
CA LYS B 274 6.00 -25.15 28.05
C LYS B 274 7.10 -26.10 28.48
N MET C 1 -8.59 19.17 28.24
CA MET C 1 -9.95 19.70 28.22
C MET C 1 -10.83 18.91 27.24
N LYS C 2 -12.12 18.88 27.50
CA LYS C 2 -13.07 18.17 26.65
C LYS C 2 -13.99 19.12 25.90
N PHE C 3 -14.27 18.75 24.66
CA PHE C 3 -15.16 19.54 23.83
C PHE C 3 -16.41 18.70 23.66
N ARG C 4 -17.52 19.38 23.48
CA ARG C 4 -18.75 18.69 23.20
C ARG C 4 -18.68 18.44 21.68
N ARG C 5 -19.66 17.74 21.12
CA ARG C 5 -19.66 17.44 19.68
C ARG C 5 -19.40 18.68 18.80
N SER C 6 -20.17 19.75 19.02
CA SER C 6 -20.02 20.97 18.24
C SER C 6 -18.59 21.46 18.08
N GLY C 7 -17.92 21.68 19.20
CA GLY C 7 -16.55 22.15 19.18
C GLY C 7 -15.63 21.13 18.55
N ARG C 8 -15.93 19.86 18.77
CA ARG C 8 -15.14 18.79 18.21
C ARG C 8 -15.27 18.80 16.68
N LEU C 9 -16.49 18.98 16.18
CA LEU C 9 -16.68 18.99 14.75
C LEU C 9 -15.91 20.12 14.12
N VAL C 10 -15.98 21.29 14.76
CA VAL C 10 -15.29 22.45 14.24
C VAL C 10 -13.78 22.28 14.20
N ASP C 11 -13.20 21.82 15.29
CA ASP C 11 -11.76 21.67 15.35
C ASP C 11 -11.25 20.54 14.43
N LEU C 12 -12.00 19.45 14.36
CA LEU C 12 -11.68 18.30 13.50
C LEU C 12 -11.66 18.77 12.06
N THR C 13 -12.65 19.59 11.71
CA THR C 13 -12.72 20.09 10.36
C THR C 13 -11.48 20.90 10.04
N ASN C 14 -11.12 21.83 10.93
CA ASN C 14 -9.92 22.63 10.69
C ASN C 14 -8.72 21.70 10.66
N TYR C 15 -8.64 20.77 11.62
CA TYR C 15 -7.45 19.91 11.65
C TYR C 15 -7.27 19.08 10.37
N LEU C 16 -8.34 18.45 9.91
CA LEU C 16 -8.32 17.64 8.71
C LEU C 16 -7.95 18.51 7.48
N LEU C 17 -8.62 19.66 7.33
CA LEU C 17 -8.35 20.60 6.24
C LEU C 17 -6.92 21.06 6.19
N THR C 18 -6.27 21.18 7.33
CA THR C 18 -4.89 21.63 7.33
C THR C 18 -3.88 20.50 7.34
N HIS C 19 -4.36 19.26 7.38
CA HIS C 19 -3.45 18.10 7.34
C HIS C 19 -3.94 17.09 6.29
N PRO C 20 -4.08 17.54 5.03
CA PRO C 20 -4.55 16.62 3.99
C PRO C 20 -3.55 15.49 3.73
N HIS C 21 -4.05 14.35 3.23
CA HIS C 21 -3.17 13.25 2.89
C HIS C 21 -2.24 12.79 4.01
N GLU C 22 -2.75 12.79 5.23
CA GLU C 22 -1.98 12.33 6.36
C GLU C 22 -2.88 11.37 7.14
N LEU C 23 -2.38 10.18 7.39
CA LEU C 23 -3.16 9.20 8.11
C LEU C 23 -3.03 9.61 9.57
N ILE C 24 -4.13 10.07 10.16
CA ILE C 24 -4.13 10.52 11.56
C ILE C 24 -4.78 9.46 12.43
N PRO C 25 -4.03 8.93 13.41
CA PRO C 25 -4.53 7.89 14.32
C PRO C 25 -5.71 8.42 15.09
N LEU C 26 -6.76 7.62 15.23
CA LEU C 26 -7.93 8.03 16.00
C LEU C 26 -7.45 8.40 17.40
N THR C 27 -6.44 7.69 17.85
CA THR C 27 -5.81 7.92 19.13
C THR C 27 -5.38 9.37 19.31
N PHE C 28 -4.91 10.01 18.24
CA PHE C 28 -4.49 11.39 18.33
C PHE C 28 -5.70 12.26 18.67
N PHE C 29 -6.84 11.96 18.07
CA PHE C 29 -8.03 12.76 18.32
C PHE C 29 -8.73 12.45 19.64
N SER C 30 -8.81 11.17 20.02
CA SER C 30 -9.45 10.81 21.28
C SER C 30 -8.71 11.51 22.42
N GLU C 31 -7.38 11.55 22.33
CA GLU C 31 -6.58 12.22 23.34
C GLU C 31 -6.66 13.76 23.25
N ARG C 32 -6.79 14.30 22.04
CA ARG C 32 -6.90 15.76 21.84
C ARG C 32 -8.17 16.28 22.48
N TYR C 33 -9.25 15.52 22.35
CA TYR C 33 -10.54 15.95 22.88
C TYR C 33 -10.98 15.20 24.11
N GLU C 34 -10.10 14.37 24.68
CA GLU C 34 -10.40 13.54 25.82
C GLU C 34 -11.78 12.93 25.62
N SER C 35 -11.98 12.33 24.44
CA SER C 35 -13.25 11.71 24.11
C SER C 35 -13.04 10.27 23.67
N ALA C 36 -14.07 9.45 23.80
CA ALA C 36 -13.95 8.05 23.40
C ALA C 36 -13.77 7.96 21.90
N LYS C 37 -12.96 7.00 21.47
CA LYS C 37 -12.69 6.75 20.07
C LYS C 37 -14.00 6.59 19.30
N SER C 38 -14.99 6.01 19.96
CA SER C 38 -16.29 5.82 19.32
C SER C 38 -16.94 7.16 19.01
N SER C 39 -16.71 8.16 19.84
CA SER C 39 -17.30 9.48 19.58
C SER C 39 -16.59 10.14 18.40
N ILE C 40 -15.26 10.00 18.35
CA ILE C 40 -14.51 10.57 17.24
C ILE C 40 -15.06 9.96 15.94
N SER C 41 -15.18 8.64 15.90
CA SER C 41 -15.69 7.97 14.71
C SER C 41 -17.04 8.51 14.29
N GLU C 42 -17.92 8.76 15.24
CA GLU C 42 -19.19 9.31 14.86
C GLU C 42 -18.98 10.73 14.30
N ASP C 43 -18.04 11.47 14.85
CA ASP C 43 -17.81 12.84 14.37
C ASP C 43 -17.33 12.73 12.90
N LEU C 44 -16.37 11.83 12.66
CA LEU C 44 -15.79 11.65 11.34
C LEU C 44 -16.81 11.27 10.27
N THR C 45 -17.83 10.48 10.64
CA THR C 45 -18.84 10.11 9.65
C THR C 45 -19.65 11.34 9.24
N ILE C 46 -19.88 12.25 10.20
CA ILE C 46 -20.62 13.47 9.85
C ILE C 46 -19.75 14.34 8.91
N ILE C 47 -18.46 14.43 9.20
CA ILE C 47 -17.55 15.24 8.41
C ILE C 47 -17.42 14.64 7.00
N LYS C 48 -17.19 13.33 6.95
CA LYS C 48 -17.08 12.64 5.67
C LYS C 48 -18.32 12.87 4.79
N GLN C 49 -19.51 12.83 5.38
CA GLN C 49 -20.71 13.03 4.58
C GLN C 49 -20.85 14.47 4.09
N THR C 50 -20.49 15.41 4.93
CA THR C 50 -20.59 16.81 4.53
C THR C 50 -19.49 17.12 3.47
N PHE C 51 -18.30 16.58 3.69
CA PHE C 51 -17.19 16.80 2.77
C PHE C 51 -17.51 16.25 1.37
N GLU C 52 -18.21 15.11 1.32
CA GLU C 52 -18.57 14.52 0.04
C GLU C 52 -19.71 15.29 -0.60
N GLN C 53 -20.72 15.58 0.21
CA GLN C 53 -21.84 16.35 -0.28
C GLN C 53 -21.46 17.74 -0.79
N GLN C 54 -20.51 18.38 -0.14
CA GLN C 54 -20.12 19.74 -0.51
C GLN C 54 -18.96 19.82 -1.52
N GLY C 55 -18.44 18.69 -1.96
CA GLY C 55 -17.34 18.72 -2.93
C GLY C 55 -16.00 19.13 -2.33
N ILE C 56 -15.82 18.91 -1.03
CA ILE C 56 -14.59 19.24 -0.37
C ILE C 56 -13.62 18.11 -0.57
N GLY C 57 -14.11 16.91 -0.47
CA GLY C 57 -13.22 15.78 -0.63
C GLY C 57 -13.77 14.61 0.14
N THR C 58 -12.93 13.67 0.47
CA THR C 58 -13.48 12.57 1.19
C THR C 58 -12.58 12.15 2.33
N LEU C 59 -13.15 11.41 3.25
CA LEU C 59 -12.40 10.94 4.38
C LEU C 59 -12.25 9.43 4.24
N LEU C 60 -11.04 8.92 4.34
CA LEU C 60 -10.85 7.48 4.27
C LEU C 60 -10.54 7.03 5.67
N THR C 61 -11.25 6.03 6.14
CA THR C 61 -11.01 5.54 7.49
C THR C 61 -10.42 4.13 7.52
N VAL C 62 -9.49 3.93 8.45
CA VAL C 62 -8.84 2.64 8.68
C VAL C 62 -9.36 2.30 10.07
N PRO C 63 -10.22 1.27 10.17
CA PRO C 63 -10.81 0.84 11.43
C PRO C 63 -9.83 0.26 12.45
N GLY C 64 -10.34 -0.04 13.64
CA GLY C 64 -9.48 -0.61 14.66
C GLY C 64 -9.00 0.40 15.69
N ALA C 65 -8.65 -0.09 16.88
CA ALA C 65 -8.16 0.77 17.95
C ALA C 65 -6.92 1.52 17.47
N ALA C 66 -6.22 0.92 16.50
CA ALA C 66 -5.01 1.52 15.95
C ALA C 66 -5.34 2.17 14.61
N GLY C 67 -6.62 2.34 14.36
CA GLY C 67 -7.06 2.94 13.11
C GLY C 67 -6.73 4.42 12.99
N GLY C 68 -7.15 5.01 11.88
CA GLY C 68 -6.87 6.40 11.61
C GLY C 68 -7.81 6.87 10.53
N VAL C 69 -7.67 8.14 10.18
CA VAL C 69 -8.51 8.73 9.16
C VAL C 69 -7.57 9.58 8.29
N LYS C 70 -7.89 9.67 7.01
CA LYS C 70 -7.05 10.46 6.12
C LYS C 70 -7.99 11.30 5.27
N TYR C 71 -7.73 12.60 5.16
CA TYR C 71 -8.62 13.43 4.33
C TYR C 71 -7.97 13.56 2.95
N ILE C 72 -8.77 13.37 1.92
CA ILE C 72 -8.27 13.43 0.54
C ILE C 72 -9.02 14.55 -0.16
N PRO C 73 -8.32 15.64 -0.48
CA PRO C 73 -9.01 16.74 -1.17
C PRO C 73 -9.40 16.18 -2.55
N LYS C 74 -10.63 16.41 -2.96
CA LYS C 74 -11.11 15.95 -4.25
C LYS C 74 -12.03 17.01 -4.79
N MET C 75 -12.00 17.20 -6.10
CA MET C 75 -12.87 18.17 -6.72
C MET C 75 -13.85 17.42 -7.64
N LYS C 76 -15.13 17.71 -7.50
CA LYS C 76 -16.13 17.09 -8.35
C LYS C 76 -15.96 17.59 -9.78
N GLN C 77 -16.33 16.74 -10.74
CA GLN C 77 -16.19 17.07 -12.14
C GLN C 77 -16.92 18.35 -12.52
N ALA C 78 -18.13 18.52 -12.02
CA ALA C 78 -18.89 19.72 -12.37
C ALA C 78 -18.16 21.00 -11.96
N GLU C 79 -17.63 21.04 -10.75
CA GLU C 79 -16.89 22.24 -10.32
C GLU C 79 -15.66 22.42 -11.21
N ALA C 80 -14.90 21.35 -11.41
CA ALA C 80 -13.74 21.45 -12.28
C ALA C 80 -14.11 22.02 -13.68
N GLU C 81 -15.17 21.52 -14.30
CA GLU C 81 -15.59 21.99 -15.64
C GLU C 81 -15.95 23.47 -15.61
N GLU C 82 -16.72 23.86 -14.61
CA GLU C 82 -17.10 25.26 -14.46
C GLU C 82 -15.86 26.15 -14.24
N PHE C 83 -14.96 25.72 -13.35
CA PHE C 83 -13.77 26.51 -13.04
C PHE C 83 -12.86 26.64 -14.28
N VAL C 84 -12.62 25.54 -14.96
CA VAL C 84 -11.75 25.58 -16.12
C VAL C 84 -12.32 26.46 -17.23
N GLN C 85 -13.62 26.42 -17.40
CA GLN C 85 -14.22 27.27 -18.44
C GLN C 85 -14.09 28.75 -18.07
N THR C 86 -14.38 29.11 -16.82
CA THR C 86 -14.27 30.51 -16.45
C THR C 86 -12.83 30.96 -16.63
N LEU C 87 -11.88 30.11 -16.23
CA LEU C 87 -10.47 30.43 -16.33
C LEU C 87 -10.12 30.59 -17.81
N GLY C 88 -10.58 29.67 -18.64
CA GLY C 88 -10.31 29.75 -20.07
C GLY C 88 -10.84 31.06 -20.65
N GLN C 89 -12.05 31.43 -20.25
CA GLN C 89 -12.62 32.68 -20.74
C GLN C 89 -11.82 33.90 -20.35
N SER C 90 -11.29 33.93 -19.13
CA SER C 90 -10.52 35.11 -18.75
C SER C 90 -9.15 35.14 -19.44
N LEU C 91 -8.65 34.01 -19.88
CA LEU C 91 -7.36 33.99 -20.56
C LEU C 91 -7.44 34.32 -22.06
N ALA C 92 -8.56 34.02 -22.69
CA ALA C 92 -8.73 34.32 -24.12
C ALA C 92 -9.10 35.79 -24.31
N ASN C 93 -8.12 36.66 -24.05
CA ASN C 93 -8.24 38.11 -24.15
C ASN C 93 -6.99 38.54 -24.92
N PRO C 94 -7.18 39.22 -26.06
CA PRO C 94 -6.06 39.67 -26.88
C PRO C 94 -4.97 40.46 -26.16
N GLU C 95 -5.31 41.16 -25.09
CA GLU C 95 -4.28 41.91 -24.38
C GLU C 95 -3.23 40.98 -23.74
N ARG C 96 -3.59 39.70 -23.63
CA ARG C 96 -2.69 38.71 -23.04
C ARG C 96 -1.76 38.10 -24.07
N ILE C 97 -1.95 38.44 -25.34
CA ILE C 97 -1.09 37.84 -26.35
C ILE C 97 0.30 38.40 -26.19
N LEU C 98 1.27 37.50 -26.19
CA LEU C 98 2.65 37.88 -26.01
C LEU C 98 3.48 37.45 -27.22
N PRO C 99 4.62 38.12 -27.47
CA PRO C 99 5.45 37.76 -28.61
C PRO C 99 5.81 36.28 -28.55
N GLY C 100 5.79 35.59 -29.68
CA GLY C 100 6.15 34.19 -29.70
C GLY C 100 5.05 33.17 -29.51
N GLY C 101 3.82 33.63 -29.32
CA GLY C 101 2.74 32.68 -29.13
C GLY C 101 2.54 32.30 -27.67
N TYR C 102 2.92 33.20 -26.77
CA TYR C 102 2.75 32.96 -25.34
C TYR C 102 1.60 33.79 -24.82
N VAL C 103 1.07 33.40 -23.67
CA VAL C 103 -0.05 34.07 -23.05
C VAL C 103 0.36 34.66 -21.70
N TYR C 104 0.00 35.92 -21.47
CA TYR C 104 0.31 36.57 -20.21
C TYR C 104 -0.60 35.94 -19.14
N LEU C 105 0.02 35.34 -18.13
CA LEU C 105 -0.67 34.65 -17.04
C LEU C 105 -0.33 35.23 -15.66
N THR C 106 0.57 36.19 -15.60
CA THR C 106 1.02 36.78 -14.34
C THR C 106 -0.04 37.20 -13.33
N ASP C 107 -1.02 37.95 -13.79
CA ASP C 107 -2.07 38.40 -12.89
C ASP C 107 -2.84 37.21 -12.34
N ILE C 108 -3.18 36.25 -13.19
CA ILE C 108 -3.92 35.06 -12.76
C ILE C 108 -3.08 34.19 -11.80
N LEU C 109 -1.81 34.04 -12.09
CA LEU C 109 -0.96 33.22 -11.24
C LEU C 109 -0.62 33.94 -9.94
N GLY C 110 -1.04 35.20 -9.81
CA GLY C 110 -0.74 35.93 -8.60
C GLY C 110 -1.90 35.86 -7.61
N LYS C 111 -2.98 35.17 -7.97
CA LYS C 111 -4.16 35.09 -7.11
C LYS C 111 -4.30 33.79 -6.32
N PRO C 112 -4.08 33.81 -4.99
CA PRO C 112 -4.23 32.54 -4.25
C PRO C 112 -5.55 31.83 -4.47
N SER C 113 -6.60 32.57 -4.79
CA SER C 113 -7.90 31.97 -5.00
C SER C 113 -7.92 31.17 -6.30
N VAL C 114 -7.19 31.61 -7.33
CA VAL C 114 -7.16 30.84 -8.56
C VAL C 114 -6.21 29.65 -8.34
N LEU C 115 -5.07 29.92 -7.73
CA LEU C 115 -4.08 28.90 -7.49
C LEU C 115 -4.61 27.79 -6.64
N SER C 116 -5.42 28.16 -5.66
CA SER C 116 -5.98 27.20 -4.75
C SER C 116 -6.81 26.16 -5.52
N LYS C 117 -7.67 26.64 -6.42
CA LYS C 117 -8.51 25.76 -7.23
C LYS C 117 -7.67 24.95 -8.23
N VAL C 118 -6.69 25.59 -8.87
CA VAL C 118 -5.87 24.84 -9.81
C VAL C 118 -5.14 23.77 -9.01
N GLY C 119 -4.62 24.16 -7.84
CA GLY C 119 -3.90 23.26 -6.97
C GLY C 119 -4.76 22.08 -6.55
N LYS C 120 -5.99 22.35 -6.18
CA LYS C 120 -6.90 21.30 -5.75
C LYS C 120 -7.27 20.38 -6.95
N LEU C 121 -7.50 20.96 -8.11
CA LEU C 121 -7.80 20.15 -9.28
C LEU C 121 -6.61 19.18 -9.54
N PHE C 122 -5.39 19.68 -9.52
CA PHE C 122 -4.24 18.78 -9.73
C PHE C 122 -4.22 17.73 -8.63
N ALA C 123 -4.41 18.14 -7.37
CA ALA C 123 -4.38 17.19 -6.26
C ALA C 123 -5.47 16.16 -6.35
N SER C 124 -6.64 16.59 -6.80
CA SER C 124 -7.75 15.66 -6.94
C SER C 124 -7.40 14.59 -8.00
N VAL C 125 -7.01 15.05 -9.19
CA VAL C 125 -6.69 14.11 -10.26
C VAL C 125 -5.56 13.15 -9.89
N PHE C 126 -4.58 13.63 -9.17
CA PHE C 126 -3.45 12.79 -8.81
C PHE C 126 -3.54 12.23 -7.40
N ALA C 127 -4.73 12.31 -6.81
CA ALA C 127 -4.94 11.85 -5.44
C ALA C 127 -4.43 10.45 -5.13
N GLU C 128 -4.51 9.53 -6.08
CA GLU C 128 -4.10 8.18 -5.78
C GLU C 128 -2.71 7.75 -6.21
N ARG C 129 -1.93 8.67 -6.76
CA ARG C 129 -0.60 8.31 -7.18
C ARG C 129 0.26 8.38 -5.93
N GLU C 130 1.33 7.61 -5.87
CA GLU C 130 2.17 7.73 -4.68
C GLU C 130 3.05 8.88 -5.05
N ILE C 131 2.84 10.03 -4.44
CA ILE C 131 3.68 11.16 -4.75
C ILE C 131 4.50 11.51 -3.53
N ASP C 132 5.81 11.65 -3.73
CA ASP C 132 6.73 12.05 -2.66
C ASP C 132 7.08 13.53 -2.77
N VAL C 133 6.98 14.09 -3.97
CA VAL C 133 7.43 15.46 -4.14
C VAL C 133 6.82 16.06 -5.39
N VAL C 134 6.66 17.39 -5.40
CA VAL C 134 6.14 18.05 -6.58
C VAL C 134 7.35 18.79 -7.09
N MET C 135 7.53 18.79 -8.40
CA MET C 135 8.67 19.48 -9.01
C MET C 135 8.25 20.43 -10.13
N THR C 136 8.96 21.53 -10.24
CA THR C 136 8.69 22.44 -11.32
C THR C 136 9.99 23.18 -11.56
N VAL C 137 9.94 24.12 -12.48
CA VAL C 137 11.12 24.88 -12.80
C VAL C 137 10.79 26.33 -12.58
N ALA C 138 11.78 27.08 -12.13
CA ALA C 138 11.59 28.49 -11.89
C ALA C 138 11.25 29.15 -13.23
N THR C 139 10.41 30.19 -13.22
CA THR C 139 9.82 30.69 -12.00
C THR C 139 8.29 30.68 -12.03
N LYS C 140 7.70 30.85 -13.22
CA LYS C 140 6.24 30.88 -13.39
C LYS C 140 5.46 29.76 -12.73
N GLY C 141 5.98 28.54 -12.82
CA GLY C 141 5.28 27.42 -12.24
C GLY C 141 5.42 27.23 -10.74
N ILE C 142 6.25 28.02 -10.07
CA ILE C 142 6.45 27.81 -8.64
C ILE C 142 5.16 27.84 -7.80
N PRO C 143 4.33 28.88 -7.95
CA PRO C 143 3.10 28.92 -7.16
C PRO C 143 2.14 27.77 -7.47
N LEU C 144 2.07 27.34 -8.73
CA LEU C 144 1.22 26.21 -9.09
C LEU C 144 1.73 24.96 -8.36
N ALA C 145 3.06 24.81 -8.31
CA ALA C 145 3.66 23.66 -7.66
C ALA C 145 3.35 23.67 -6.14
N TYR C 146 3.52 24.82 -5.48
CA TYR C 146 3.24 24.86 -4.04
C TYR C 146 1.77 24.61 -3.76
N ALA C 147 0.91 25.11 -4.63
CA ALA C 147 -0.53 24.91 -4.45
C ALA C 147 -0.86 23.42 -4.52
N ALA C 148 -0.31 22.73 -5.52
CA ALA C 148 -0.62 21.32 -5.63
C ALA C 148 0.04 20.58 -4.49
N ALA C 149 1.26 20.95 -4.17
CA ALA C 149 1.97 20.28 -3.10
C ALA C 149 1.27 20.43 -1.72
N SER C 150 0.68 21.58 -1.46
CA SER C 150 0.03 21.76 -0.16
C SER C 150 -1.21 20.85 -0.02
N TYR C 151 -1.93 20.59 -1.10
CA TYR C 151 -3.07 19.70 -0.97
C TYR C 151 -2.62 18.25 -0.86
N LEU C 152 -1.44 17.96 -1.41
CA LEU C 152 -0.91 16.60 -1.46
C LEU C 152 -0.02 16.22 -0.26
N ASN C 153 0.35 17.21 0.55
CA ASN C 153 1.21 16.93 1.70
C ASN C 153 2.57 16.40 1.24
N VAL C 154 3.24 17.13 0.34
CA VAL C 154 4.57 16.72 -0.08
C VAL C 154 5.38 18.00 -0.26
N PRO C 155 6.70 17.88 -0.22
CA PRO C 155 7.50 19.08 -0.42
C PRO C 155 7.61 19.44 -1.91
N VAL C 156 8.20 20.59 -2.16
CA VAL C 156 8.39 21.08 -3.51
C VAL C 156 9.88 21.17 -3.79
N VAL C 157 10.25 20.84 -5.02
CA VAL C 157 11.64 20.93 -5.44
C VAL C 157 11.61 21.86 -6.64
N ILE C 158 12.46 22.88 -6.66
CA ILE C 158 12.46 23.81 -7.79
C ILE C 158 13.72 23.66 -8.64
N VAL C 159 13.57 23.22 -9.88
CA VAL C 159 14.72 23.07 -10.76
C VAL C 159 15.15 24.46 -11.20
N ARG C 160 16.45 24.71 -11.21
CA ARG C 160 16.94 26.01 -11.60
C ARG C 160 17.40 26.02 -13.06
N LYS C 161 17.20 27.14 -13.74
CA LYS C 161 17.64 27.27 -15.13
C LYS C 161 19.05 27.86 -15.10
N ASP C 162 19.99 27.01 -14.67
CA ASP C 162 21.40 27.37 -14.54
C ASP C 162 21.60 28.75 -13.92
N GLY C 168 26.59 22.79 -4.37
CA GLY C 168 26.94 21.41 -4.09
C GLY C 168 26.94 20.54 -5.34
N SER C 169 27.08 19.23 -5.15
CA SER C 169 27.09 18.28 -6.27
C SER C 169 25.74 18.35 -7.00
N THR C 170 25.73 19.10 -8.10
CA THR C 170 24.55 19.32 -8.91
C THR C 170 24.42 18.39 -10.11
N VAL C 171 23.18 18.09 -10.48
CA VAL C 171 22.89 17.26 -11.63
C VAL C 171 22.40 18.23 -12.69
N SER C 172 22.98 18.15 -13.89
CA SER C 172 22.57 19.04 -14.97
C SER C 172 22.13 18.26 -16.18
N ILE C 173 21.17 18.82 -16.90
CA ILE C 173 20.60 18.19 -18.06
C ILE C 173 20.49 19.28 -19.11
N ASN C 174 20.65 18.94 -20.37
CA ASN C 174 20.50 19.96 -21.40
C ASN C 174 19.09 19.80 -21.91
N TYR C 175 18.46 20.89 -22.31
CA TYR C 175 17.11 20.76 -22.87
C TYR C 175 16.89 21.93 -23.78
N VAL C 176 15.82 21.87 -24.55
CA VAL C 176 15.47 22.96 -25.43
C VAL C 176 14.03 23.34 -25.09
N SER C 177 13.72 24.63 -25.09
CA SER C 177 12.34 25.05 -24.81
C SER C 177 11.78 25.77 -26.03
N GLY C 178 10.47 25.79 -26.16
CA GLY C 178 9.85 26.44 -27.31
C GLY C 178 10.25 27.89 -27.56
N SER C 179 10.58 28.63 -26.49
CA SER C 179 10.96 30.05 -26.61
C SER C 179 12.18 30.27 -27.49
N SER C 180 13.03 29.26 -27.60
CA SER C 180 14.25 29.31 -28.40
C SER C 180 14.80 27.91 -28.62
N ASN C 181 14.98 27.52 -29.89
CA ASN C 181 15.51 26.20 -30.17
C ASN C 181 16.99 26.12 -29.72
N ARG C 182 17.34 27.00 -28.79
CA ARG C 182 18.69 27.04 -28.24
C ARG C 182 18.74 26.01 -27.12
N ILE C 183 19.87 25.33 -27.00
CA ILE C 183 20.04 24.32 -25.98
C ILE C 183 20.42 24.97 -24.67
N GLN C 184 19.60 24.72 -23.65
CA GLN C 184 19.83 25.29 -22.33
C GLN C 184 20.06 24.15 -21.34
N THR C 185 20.52 24.51 -20.15
CA THR C 185 20.75 23.51 -19.15
C THR C 185 19.90 23.78 -17.89
N MET C 186 19.45 22.73 -17.24
CA MET C 186 18.69 22.89 -16.02
C MET C 186 19.38 22.01 -15.03
N SER C 187 19.32 22.44 -13.77
CA SER C 187 19.99 21.69 -12.74
C SER C 187 19.23 21.68 -11.44
N LEU C 188 19.64 20.75 -10.59
CA LEU C 188 19.04 20.53 -9.30
C LEU C 188 20.12 19.92 -8.42
N ALA C 189 20.31 20.48 -7.22
CA ALA C 189 21.31 19.96 -6.30
C ALA C 189 20.98 18.50 -5.99
N LYS C 190 22.01 17.66 -5.88
CA LYS C 190 21.76 16.25 -5.57
C LYS C 190 21.05 16.09 -4.23
N ARG C 191 21.34 16.99 -3.29
CA ARG C 191 20.74 16.90 -1.96
C ARG C 191 19.29 17.37 -1.92
N SER C 192 18.75 17.76 -3.07
CA SER C 192 17.38 18.25 -3.12
C SER C 192 16.30 17.20 -3.22
N MET C 193 16.67 15.94 -3.41
CA MET C 193 15.65 14.92 -3.52
C MET C 193 16.16 13.49 -3.54
N LYS C 194 15.59 12.64 -2.69
CA LYS C 194 15.97 11.24 -2.58
C LYS C 194 15.77 10.48 -3.88
N THR C 195 16.59 9.44 -4.07
CA THR C 195 16.47 8.60 -5.25
C THR C 195 15.23 7.75 -4.99
N GLY C 196 14.53 7.36 -6.04
CA GLY C 196 13.34 6.57 -5.85
C GLY C 196 12.10 7.43 -5.62
N SER C 197 12.29 8.72 -5.48
CA SER C 197 11.16 9.61 -5.25
C SER C 197 10.16 9.55 -6.39
N ASN C 198 8.88 9.50 -6.06
CA ASN C 198 7.83 9.55 -7.07
C ASN C 198 7.52 11.05 -7.20
N VAL C 199 7.72 11.60 -8.38
CA VAL C 199 7.58 13.01 -8.62
C VAL C 199 6.42 13.46 -9.48
N LEU C 200 5.67 14.44 -8.97
CA LEU C 200 4.58 15.04 -9.75
C LEU C 200 5.22 16.28 -10.37
N ILE C 201 5.25 16.34 -11.70
CA ILE C 201 5.85 17.48 -12.37
C ILE C 201 4.73 18.48 -12.62
N ILE C 202 4.98 19.74 -12.37
CA ILE C 202 3.96 20.74 -12.58
C ILE C 202 4.53 21.94 -13.30
N ASP C 203 3.85 22.42 -14.34
CA ASP C 203 4.34 23.62 -14.99
C ASP C 203 3.16 24.47 -15.45
N ASP C 204 3.43 25.73 -15.71
CA ASP C 204 2.36 26.62 -16.18
C ASP C 204 1.96 26.44 -17.64
N PHE C 205 2.97 26.36 -18.51
CA PHE C 205 2.70 26.27 -19.93
C PHE C 205 3.58 25.28 -20.67
N MET C 206 2.98 24.44 -21.47
CA MET C 206 3.72 23.46 -22.26
C MET C 206 3.51 23.79 -23.73
N LYS C 207 4.57 24.26 -24.38
CA LYS C 207 4.53 24.61 -25.80
C LYS C 207 5.05 23.45 -26.60
N ALA C 208 6.37 23.32 -26.68
CA ALA C 208 6.96 22.21 -27.43
C ALA C 208 7.07 20.95 -26.56
N GLY C 209 7.35 21.13 -25.28
CA GLY C 209 7.47 19.97 -24.38
C GLY C 209 8.88 19.67 -23.95
N GLY C 210 9.82 20.51 -24.38
CA GLY C 210 11.21 20.29 -24.03
C GLY C 210 11.52 20.56 -22.57
N THR C 211 10.81 21.51 -21.97
CA THR C 211 11.06 21.81 -20.56
C THR C 211 10.64 20.63 -19.70
N ILE C 212 9.44 20.10 -19.92
CA ILE C 212 9.00 18.96 -19.14
C ILE C 212 9.88 17.74 -19.46
N ASN C 213 10.19 17.54 -20.72
CA ASN C 213 11.07 16.43 -21.10
C ASN C 213 12.40 16.60 -20.36
N GLY C 214 12.87 17.84 -20.27
CA GLY C 214 14.11 18.08 -19.54
C GLY C 214 13.96 17.63 -18.09
N MET C 215 12.83 17.94 -17.48
CA MET C 215 12.63 17.54 -16.10
C MET C 215 12.48 16.05 -16.00
N ILE C 216 11.79 15.44 -16.95
CA ILE C 216 11.68 14.00 -16.92
C ILE C 216 13.10 13.40 -16.99
N ASN C 217 13.95 13.96 -17.85
CA ASN C 217 15.32 13.45 -17.97
C ASN C 217 16.09 13.74 -16.71
N LEU C 218 15.89 14.91 -16.13
CA LEU C 218 16.58 15.21 -14.91
C LEU C 218 16.24 14.15 -13.85
N LEU C 219 15.00 13.65 -13.86
CA LEU C 219 14.62 12.64 -12.89
C LEU C 219 15.36 11.31 -13.01
N ASP C 220 15.92 11.01 -14.18
CA ASP C 220 16.66 9.75 -14.34
C ASP C 220 17.98 9.82 -13.58
N GLU C 221 18.59 10.99 -13.58
CA GLU C 221 19.84 11.17 -12.84
C GLU C 221 19.62 10.97 -11.34
N PHE C 222 18.36 10.98 -10.90
CA PHE C 222 18.07 10.78 -9.49
C PHE C 222 17.42 9.42 -9.31
N ASN C 223 17.29 8.69 -10.41
CA ASN C 223 16.63 7.40 -10.38
C ASN C 223 15.26 7.57 -9.75
N ALA C 224 14.58 8.66 -10.13
CA ALA C 224 13.26 8.97 -9.64
C ALA C 224 12.23 8.63 -10.67
N ASN C 225 10.99 8.53 -10.24
CA ASN C 225 9.91 8.21 -11.15
C ASN C 225 8.98 9.36 -11.37
N VAL C 226 8.44 9.42 -12.58
CA VAL C 226 7.48 10.43 -12.95
C VAL C 226 6.15 9.89 -12.47
N ALA C 227 5.60 10.46 -11.40
CA ALA C 227 4.32 9.98 -10.90
C ALA C 227 3.15 10.59 -11.65
N GLY C 228 3.38 11.76 -12.24
CA GLY C 228 2.32 12.42 -12.99
C GLY C 228 2.83 13.73 -13.54
N ILE C 229 2.09 14.31 -14.48
CA ILE C 229 2.51 15.57 -15.06
C ILE C 229 1.28 16.42 -15.21
N GLY C 230 1.34 17.65 -14.73
CA GLY C 230 0.17 18.51 -14.87
C GLY C 230 0.59 19.88 -15.33
N VAL C 231 -0.12 20.45 -16.28
CA VAL C 231 0.21 21.79 -16.74
C VAL C 231 -1.08 22.56 -16.81
N LEU C 232 -0.97 23.86 -16.64
CA LEU C 232 -2.13 24.71 -16.66
C LEU C 232 -2.62 24.81 -18.12
N VAL C 233 -1.70 25.18 -19.01
CA VAL C 233 -1.98 25.33 -20.42
C VAL C 233 -1.01 24.57 -21.32
N GLU C 234 -1.55 23.88 -22.32
CA GLU C 234 -0.72 23.19 -23.30
C GLU C 234 -1.03 23.81 -24.67
N ALA C 235 0.01 24.05 -25.48
CA ALA C 235 -0.22 24.57 -26.83
C ALA C 235 -0.84 23.44 -27.61
N GLU C 236 -1.73 23.75 -28.53
CA GLU C 236 -2.37 22.72 -29.35
C GLU C 236 -1.31 21.93 -30.12
N GLY C 237 -1.50 20.62 -30.22
CA GLY C 237 -0.58 19.76 -30.95
C GLY C 237 0.74 19.39 -30.28
N VAL C 238 0.80 19.55 -28.96
CA VAL C 238 2.00 19.23 -28.21
C VAL C 238 2.03 17.79 -27.75
N ASP C 239 0.86 17.16 -27.75
CA ASP C 239 0.66 15.77 -27.33
C ASP C 239 1.53 14.78 -28.10
N GLU C 240 2.30 15.31 -29.05
CA GLU C 240 3.18 14.52 -29.89
C GLU C 240 4.62 14.54 -29.38
N ARG C 241 5.07 15.72 -28.97
CA ARG C 241 6.44 15.89 -28.48
C ARG C 241 6.66 15.51 -27.02
N LEU C 242 5.66 14.89 -26.41
CA LEU C 242 5.78 14.45 -25.01
C LEU C 242 5.42 12.98 -24.92
N VAL C 243 6.39 12.17 -24.51
CA VAL C 243 6.16 10.73 -24.42
C VAL C 243 5.23 10.42 -23.26
N ASP C 244 5.61 10.94 -22.08
CA ASP C 244 4.85 10.72 -20.87
C ASP C 244 3.43 11.27 -20.90
N GLU C 245 2.55 10.61 -20.15
CA GLU C 245 1.16 11.03 -20.03
C GLU C 245 1.17 12.32 -19.24
N TYR C 246 0.31 13.27 -19.59
CA TYR C 246 0.23 14.52 -18.83
C TYR C 246 -1.19 14.96 -18.81
N MET C 247 -1.50 15.85 -17.88
CA MET C 247 -2.84 16.38 -17.78
C MET C 247 -2.76 17.89 -17.99
N SER C 248 -3.73 18.44 -18.70
CA SER C 248 -3.72 19.85 -18.95
C SER C 248 -5.11 20.41 -18.65
N LEU C 249 -5.16 21.64 -18.17
CA LEU C 249 -6.46 22.23 -17.85
C LEU C 249 -7.01 22.92 -19.08
N LEU C 250 -6.12 23.60 -19.78
CA LEU C 250 -6.49 24.37 -20.94
C LEU C 250 -5.60 24.09 -22.16
N THR C 251 -6.20 24.29 -23.33
CA THR C 251 -5.50 24.16 -24.58
C THR C 251 -5.44 25.52 -25.28
N LEU C 252 -4.24 26.00 -25.57
CA LEU C 252 -4.11 27.25 -26.29
C LEU C 252 -4.11 26.86 -27.77
N SER C 253 -5.25 27.03 -28.45
CA SER C 253 -5.43 26.71 -29.88
C SER C 253 -4.76 27.66 -30.81
N THR C 254 -5.38 28.82 -30.96
CA THR C 254 -4.86 29.82 -31.86
C THR C 254 -4.19 30.94 -31.13
N ILE C 255 -3.15 31.48 -31.73
CA ILE C 255 -2.48 32.60 -31.15
C ILE C 255 -1.58 33.21 -32.18
N ASN C 256 -1.74 34.51 -32.31
CA ASN C 256 -0.93 35.23 -33.27
C ASN C 256 -0.89 36.70 -32.89
N MET C 257 0.32 37.20 -32.71
CA MET C 257 0.55 38.58 -32.31
C MET C 257 0.07 39.61 -33.32
N LYS C 258 0.23 39.32 -34.62
CA LYS C 258 -0.15 40.24 -35.68
C LYS C 258 -1.65 40.35 -35.91
N GLU C 259 -2.34 39.20 -35.97
CA GLU C 259 -3.78 39.16 -36.19
C GLU C 259 -4.55 39.27 -34.85
N LYS C 260 -3.80 39.45 -33.76
CA LYS C 260 -4.35 39.58 -32.41
C LYS C 260 -5.51 38.62 -32.12
N SER C 261 -5.29 37.34 -32.38
CA SER C 261 -6.34 36.37 -32.11
C SER C 261 -5.82 35.35 -31.09
N ILE C 262 -6.69 34.94 -30.17
CA ILE C 262 -6.33 33.98 -29.15
C ILE C 262 -7.52 33.08 -28.85
N GLU C 263 -7.34 31.78 -29.00
CA GLU C 263 -8.43 30.86 -28.75
C GLU C 263 -7.98 29.85 -27.72
N ILE C 264 -8.83 29.62 -26.74
CA ILE C 264 -8.55 28.69 -25.66
C ILE C 264 -9.70 27.72 -25.45
N GLN C 265 -9.41 26.43 -25.37
CA GLN C 265 -10.46 25.44 -25.12
C GLN C 265 -10.06 24.58 -23.93
N ASN C 266 -10.91 23.64 -23.55
CA ASN C 266 -10.59 22.75 -22.45
C ASN C 266 -9.29 22.02 -22.76
N GLY C 267 -8.59 21.63 -21.72
CA GLY C 267 -7.38 20.84 -21.90
C GLY C 267 -7.89 19.41 -21.87
N ASN C 268 -7.05 18.45 -21.56
CA ASN C 268 -7.52 17.08 -21.53
C ASN C 268 -7.95 16.58 -20.15
N PHE C 269 -8.05 17.48 -19.16
CA PHE C 269 -8.39 17.05 -17.78
C PHE C 269 -9.59 16.11 -17.61
N LEU C 270 -10.62 16.26 -18.44
CA LEU C 270 -11.76 15.35 -18.32
C LEU C 270 -11.37 13.86 -18.49
N ARG C 271 -10.29 13.60 -19.20
CA ARG C 271 -9.83 12.22 -19.35
C ARG C 271 -9.55 11.60 -17.99
N PHE C 272 -9.18 12.43 -17.01
CA PHE C 272 -8.86 11.89 -15.68
C PHE C 272 -10.02 11.84 -14.71
N PHE C 273 -11.20 12.20 -15.18
CA PHE C 273 -12.36 12.21 -14.33
C PHE C 273 -13.32 11.04 -14.52
N LYS C 274 -14.23 10.96 -13.54
CA LYS C 274 -15.30 9.96 -13.43
C LYS C 274 -15.52 9.06 -14.64
N LYS D 2 -30.56 21.38 2.31
CA LYS D 2 -30.99 21.05 3.66
C LYS D 2 -29.83 20.53 4.51
N PHE D 3 -29.48 21.26 5.56
CA PHE D 3 -28.39 20.87 6.45
C PHE D 3 -28.88 20.81 7.90
N ARG D 4 -28.40 19.82 8.64
CA ARG D 4 -28.74 19.73 10.05
C ARG D 4 -27.59 20.50 10.71
N ARG D 5 -27.77 20.90 11.96
CA ARG D 5 -26.76 21.66 12.66
C ARG D 5 -25.32 21.15 12.45
N SER D 6 -25.12 19.85 12.69
CA SER D 6 -23.81 19.24 12.57
C SER D 6 -23.15 19.42 11.19
N GLY D 7 -23.93 19.21 10.13
CA GLY D 7 -23.39 19.39 8.79
C GLY D 7 -23.12 20.86 8.51
N ARG D 8 -24.03 21.69 8.99
CA ARG D 8 -23.88 23.12 8.79
C ARG D 8 -22.61 23.66 9.47
N LEU D 9 -22.29 23.13 10.63
CA LEU D 9 -21.10 23.56 11.34
C LEU D 9 -19.85 23.16 10.56
N VAL D 10 -19.86 21.96 10.00
CA VAL D 10 -18.69 21.52 9.23
C VAL D 10 -18.55 22.37 7.99
N ASP D 11 -19.63 22.58 7.24
CA ASP D 11 -19.52 23.38 6.03
C ASP D 11 -19.13 24.82 6.31
N LEU D 12 -19.76 25.41 7.33
CA LEU D 12 -19.50 26.79 7.73
C LEU D 12 -18.02 26.93 8.08
N THR D 13 -17.51 25.95 8.84
CA THR D 13 -16.12 25.99 9.23
C THR D 13 -15.24 25.97 7.99
N ASN D 14 -15.51 25.02 7.09
CA ASN D 14 -14.74 24.94 5.86
C ASN D 14 -14.85 26.26 5.09
N TYR D 15 -16.08 26.75 4.94
CA TYR D 15 -16.28 27.98 4.18
C TYR D 15 -15.47 29.14 4.73
N LEU D 16 -15.50 29.33 6.04
CA LEU D 16 -14.77 30.41 6.66
C LEU D 16 -13.27 30.26 6.51
N LEU D 17 -12.75 29.05 6.74
CA LEU D 17 -11.32 28.83 6.66
C LEU D 17 -10.80 29.05 5.25
N THR D 18 -11.65 28.84 4.25
CA THR D 18 -11.24 29.02 2.88
C THR D 18 -11.54 30.42 2.39
N HIS D 19 -12.12 31.27 3.23
CA HIS D 19 -12.39 32.65 2.84
C HIS D 19 -11.95 33.64 3.91
N PRO D 20 -10.68 33.59 4.32
CA PRO D 20 -10.25 34.54 5.36
C PRO D 20 -10.24 36.01 4.84
N HIS D 21 -10.40 36.94 5.76
CA HIS D 21 -10.38 38.37 5.48
C HIS D 21 -11.38 38.78 4.42
N GLU D 22 -12.57 38.22 4.52
CA GLU D 22 -13.65 38.51 3.61
C GLU D 22 -14.92 38.69 4.45
N LEU D 23 -15.57 39.84 4.30
CA LEU D 23 -16.80 40.11 5.04
C LEU D 23 -17.92 39.36 4.32
N ILE D 24 -18.53 38.42 5.01
CA ILE D 24 -19.60 37.62 4.42
C ILE D 24 -20.89 37.95 5.15
N PRO D 25 -21.94 38.34 4.40
CA PRO D 25 -23.25 38.70 4.95
C PRO D 25 -23.92 37.49 5.60
N LEU D 26 -24.50 37.64 6.78
CA LEU D 26 -25.17 36.51 7.44
C LEU D 26 -26.18 35.91 6.48
N THR D 27 -26.65 36.72 5.54
CA THR D 27 -27.65 36.29 4.56
C THR D 27 -27.10 35.24 3.63
N PHE D 28 -25.81 35.34 3.33
CA PHE D 28 -25.21 34.38 2.42
C PHE D 28 -25.42 32.99 3.00
N PHE D 29 -25.18 32.88 4.30
CA PHE D 29 -25.30 31.63 5.03
C PHE D 29 -26.74 31.25 5.31
N SER D 30 -27.54 32.26 5.65
CA SER D 30 -28.95 32.03 5.93
C SER D 30 -29.55 31.30 4.73
N GLU D 31 -29.33 31.86 3.55
CA GLU D 31 -29.83 31.25 2.34
C GLU D 31 -29.17 29.91 2.03
N ARG D 32 -27.85 29.86 2.15
CA ARG D 32 -27.11 28.63 1.86
C ARG D 32 -27.63 27.40 2.59
N TYR D 33 -27.92 27.54 3.87
CA TYR D 33 -28.39 26.41 4.66
C TYR D 33 -29.89 26.46 4.94
N GLU D 34 -30.59 27.40 4.32
CA GLU D 34 -32.03 27.56 4.49
C GLU D 34 -32.35 27.47 5.98
N SER D 35 -31.75 28.37 6.74
CA SER D 35 -31.91 28.42 8.18
C SER D 35 -32.12 29.87 8.57
N ALA D 36 -32.60 30.08 9.79
CA ALA D 36 -32.84 31.43 10.28
C ALA D 36 -31.52 32.10 10.62
N LYS D 37 -31.43 33.40 10.34
CA LYS D 37 -30.22 34.15 10.65
C LYS D 37 -29.82 33.81 12.08
N SER D 38 -30.81 33.74 12.96
CA SER D 38 -30.57 33.43 14.36
C SER D 38 -29.82 32.12 14.52
N SER D 39 -30.19 31.12 13.72
CA SER D 39 -29.54 29.82 13.75
C SER D 39 -28.08 29.96 13.31
N ILE D 40 -27.86 30.76 12.27
CA ILE D 40 -26.52 31.01 11.74
C ILE D 40 -25.67 31.68 12.81
N SER D 41 -26.23 32.72 13.42
CA SER D 41 -25.52 33.45 14.46
C SER D 41 -25.09 32.54 15.58
N GLU D 42 -25.96 31.59 15.91
CA GLU D 42 -25.69 30.62 16.96
C GLU D 42 -24.48 29.71 16.56
N ASP D 43 -24.45 29.29 15.29
CA ASP D 43 -23.35 28.45 14.82
C ASP D 43 -22.05 29.24 14.85
N LEU D 44 -22.11 30.48 14.39
CA LEU D 44 -20.94 31.33 14.35
C LEU D 44 -20.34 31.51 15.73
N THR D 45 -21.19 31.52 16.75
CA THR D 45 -20.64 31.71 18.08
C THR D 45 -19.91 30.43 18.45
N ILE D 46 -20.45 29.27 18.07
CA ILE D 46 -19.75 28.02 18.36
C ILE D 46 -18.36 28.03 17.66
N ILE D 47 -18.33 28.45 16.40
CA ILE D 47 -17.07 28.49 15.64
C ILE D 47 -16.11 29.50 16.24
N LYS D 48 -16.62 30.68 16.56
CA LYS D 48 -15.79 31.72 17.20
C LYS D 48 -15.11 31.22 18.48
N GLN D 49 -15.88 30.58 19.35
CA GLN D 49 -15.27 30.09 20.60
C GLN D 49 -14.22 29.04 20.31
N THR D 50 -14.55 28.12 19.41
CA THR D 50 -13.60 27.06 19.07
C THR D 50 -12.37 27.64 18.41
N PHE D 51 -12.58 28.54 17.46
CA PHE D 51 -11.45 29.17 16.76
C PHE D 51 -10.53 29.86 17.75
N GLU D 52 -11.14 30.56 18.72
CA GLU D 52 -10.37 31.28 19.75
C GLU D 52 -9.60 30.32 20.66
N GLN D 53 -10.30 29.34 21.21
CA GLN D 53 -9.63 28.36 22.09
C GLN D 53 -8.57 27.54 21.39
N GLN D 54 -8.81 27.17 20.13
CA GLN D 54 -7.82 26.37 19.41
C GLN D 54 -6.68 27.16 18.78
N GLY D 55 -6.73 28.49 18.91
CA GLY D 55 -5.66 29.29 18.34
C GLY D 55 -5.69 29.31 16.80
N ILE D 56 -6.88 29.16 16.23
CA ILE D 56 -7.09 29.18 14.79
C ILE D 56 -7.21 30.62 14.30
N GLY D 57 -7.98 31.41 15.05
CA GLY D 57 -8.12 32.81 14.69
C GLY D 57 -9.35 33.42 15.29
N THR D 58 -9.70 34.59 14.78
CA THR D 58 -10.86 35.33 15.27
C THR D 58 -11.98 35.40 14.27
N LEU D 59 -13.21 35.33 14.76
CA LEU D 59 -14.39 35.47 13.91
C LEU D 59 -14.96 36.83 14.29
N LEU D 60 -14.91 37.78 13.37
CA LEU D 60 -15.45 39.10 13.62
C LEU D 60 -16.86 39.24 13.09
N THR D 61 -17.78 39.68 13.93
CA THR D 61 -19.15 39.87 13.45
C THR D 61 -19.40 41.37 13.36
N VAL D 62 -19.77 41.85 12.18
CA VAL D 62 -20.05 43.27 11.99
C VAL D 62 -21.57 43.40 11.98
N PRO D 63 -22.12 44.06 13.02
CA PRO D 63 -23.56 44.30 13.24
C PRO D 63 -24.33 45.00 12.14
N GLY D 64 -25.60 44.62 11.99
CA GLY D 64 -26.48 45.21 10.99
C GLY D 64 -26.09 44.95 9.55
N ALA D 65 -26.93 45.37 8.62
CA ALA D 65 -26.65 45.18 7.19
C ALA D 65 -25.33 45.86 6.87
N ALA D 66 -24.80 45.59 5.67
CA ALA D 66 -23.53 46.14 5.24
C ALA D 66 -22.42 45.45 6.04
N GLY D 67 -22.86 44.63 7.01
CA GLY D 67 -21.93 43.90 7.85
C GLY D 67 -22.05 42.41 7.61
N GLY D 68 -21.69 41.62 8.62
CA GLY D 68 -21.74 40.18 8.48
C GLY D 68 -20.62 39.55 9.28
N VAL D 69 -20.10 38.41 8.85
CA VAL D 69 -19.02 37.78 9.61
C VAL D 69 -17.68 37.76 8.84
N LYS D 70 -16.58 37.93 9.56
CA LYS D 70 -15.28 37.88 8.91
C LYS D 70 -14.31 37.02 9.70
N TYR D 71 -13.64 36.09 9.02
CA TYR D 71 -12.68 35.22 9.71
C TYR D 71 -11.27 35.82 9.57
N ILE D 72 -10.59 36.01 10.69
CA ILE D 72 -9.24 36.57 10.71
C ILE D 72 -8.22 35.54 11.24
N PRO D 73 -7.34 35.01 10.36
CA PRO D 73 -6.37 34.04 10.85
C PRO D 73 -5.48 34.72 11.88
N LYS D 74 -5.24 34.07 13.00
CA LYS D 74 -4.41 34.65 14.05
C LYS D 74 -3.64 33.54 14.71
N MET D 75 -2.40 33.81 15.04
CA MET D 75 -1.63 32.83 15.71
C MET D 75 -1.31 33.32 17.15
N LYS D 76 -1.62 32.50 18.15
CA LYS D 76 -1.31 32.79 19.56
C LYS D 76 0.21 32.91 19.74
N GLN D 77 0.62 33.80 20.64
CA GLN D 77 2.02 34.01 20.91
C GLN D 77 2.79 32.75 21.34
N ALA D 78 2.16 31.94 22.17
CA ALA D 78 2.81 30.70 22.62
C ALA D 78 3.12 29.82 21.40
N GLU D 79 2.16 29.68 20.51
CA GLU D 79 2.42 28.87 19.33
C GLU D 79 3.53 29.47 18.47
N ALA D 80 3.47 30.78 18.25
CA ALA D 80 4.47 31.42 17.44
C ALA D 80 5.85 31.17 18.05
N GLU D 81 5.95 31.28 19.38
CA GLU D 81 7.24 31.05 20.04
C GLU D 81 7.74 29.63 19.88
N GLU D 82 6.86 28.67 20.14
CA GLU D 82 7.27 27.27 20.00
C GLU D 82 7.71 27.03 18.56
N PHE D 83 6.95 27.53 17.59
CA PHE D 83 7.31 27.35 16.19
C PHE D 83 8.65 27.94 15.77
N VAL D 84 8.93 29.17 16.19
CA VAL D 84 10.18 29.81 15.80
C VAL D 84 11.37 29.11 16.45
N GLN D 85 11.18 28.63 17.68
CA GLN D 85 12.25 27.93 18.39
C GLN D 85 12.58 26.66 17.60
N THR D 86 11.55 25.89 17.32
CA THR D 86 11.70 24.68 16.54
C THR D 86 12.39 24.98 15.19
N LEU D 87 11.91 26.00 14.50
CA LEU D 87 12.49 26.33 13.20
C LEU D 87 13.93 26.77 13.43
N GLY D 88 14.15 27.55 14.47
CA GLY D 88 15.50 27.96 14.78
C GLY D 88 16.42 26.76 15.08
N GLN D 89 15.96 25.81 15.89
CA GLN D 89 16.81 24.65 16.19
C GLN D 89 17.18 23.95 14.90
N SER D 90 16.19 23.72 14.05
CA SER D 90 16.43 23.09 12.78
C SER D 90 17.48 23.80 11.93
N LEU D 91 17.50 25.12 11.94
CA LEU D 91 18.44 25.87 11.12
C LEU D 91 19.83 25.99 11.68
N ALA D 92 19.95 25.80 12.99
CA ALA D 92 21.23 25.91 13.67
C ALA D 92 22.19 24.78 13.31
N ASN D 93 21.76 23.91 12.42
CA ASN D 93 22.58 22.79 11.97
C ASN D 93 23.83 23.30 11.26
N PRO D 94 25.02 22.85 11.68
CA PRO D 94 26.27 23.30 11.04
C PRO D 94 26.29 22.99 9.55
N GLU D 95 25.64 21.89 9.17
CA GLU D 95 25.58 21.49 7.76
C GLU D 95 25.10 22.62 6.87
N ARG D 96 24.08 23.34 7.35
CA ARG D 96 23.48 24.43 6.58
C ARG D 96 24.40 25.60 6.27
N ILE D 97 25.61 25.58 6.82
CA ILE D 97 26.55 26.68 6.57
C ILE D 97 26.94 26.85 5.10
N LEU D 98 26.95 28.10 4.65
CA LEU D 98 27.26 28.41 3.25
C LEU D 98 28.26 29.57 3.11
N PRO D 99 28.96 29.65 1.96
CA PRO D 99 29.94 30.70 1.67
C PRO D 99 29.30 32.06 1.88
N GLY D 100 30.09 33.06 2.23
CA GLY D 100 29.53 34.37 2.51
C GLY D 100 28.83 34.14 3.83
N GLY D 101 27.96 35.06 4.25
CA GLY D 101 27.28 34.84 5.51
C GLY D 101 25.89 34.23 5.33
N TYR D 102 25.82 33.03 4.72
CA TYR D 102 24.54 32.38 4.45
C TYR D 102 24.26 31.01 5.06
N VAL D 103 22.97 30.70 5.19
CA VAL D 103 22.52 29.43 5.78
C VAL D 103 21.73 28.67 4.71
N TYR D 104 21.63 27.35 4.85
CA TYR D 104 20.89 26.53 3.91
C TYR D 104 19.42 26.53 4.30
N LEU D 105 18.56 27.06 3.41
CA LEU D 105 17.11 27.14 3.67
C LEU D 105 16.22 26.28 2.75
N THR D 106 16.74 25.96 1.57
CA THR D 106 16.00 25.21 0.57
C THR D 106 15.10 24.07 1.03
N ASP D 107 15.60 23.17 1.87
CA ASP D 107 14.74 22.09 2.34
C ASP D 107 13.55 22.59 3.17
N ILE D 108 13.77 23.64 3.97
CA ILE D 108 12.68 24.20 4.79
C ILE D 108 11.69 24.98 3.93
N LEU D 109 12.22 25.80 3.03
CA LEU D 109 11.42 26.60 2.13
C LEU D 109 10.62 25.74 1.13
N GLY D 110 10.90 24.44 1.10
CA GLY D 110 10.17 23.56 0.20
C GLY D 110 9.01 22.82 0.87
N LYS D 111 8.83 23.02 2.17
CA LYS D 111 7.78 22.32 2.89
C LYS D 111 6.53 23.12 3.14
N PRO D 112 5.42 22.74 2.51
CA PRO D 112 4.20 23.50 2.75
C PRO D 112 3.84 23.62 4.23
N SER D 113 4.13 22.61 5.01
CA SER D 113 3.78 22.63 6.43
C SER D 113 4.51 23.79 7.13
N VAL D 114 5.78 23.97 6.81
CA VAL D 114 6.54 25.04 7.38
C VAL D 114 6.06 26.41 6.85
N LEU D 115 5.88 26.48 5.52
CA LEU D 115 5.44 27.71 4.87
C LEU D 115 4.09 28.19 5.37
N SER D 116 3.20 27.24 5.56
CA SER D 116 1.88 27.56 6.07
C SER D 116 1.94 28.29 7.46
N LYS D 117 2.78 27.78 8.35
CA LYS D 117 2.96 28.34 9.69
C LYS D 117 3.62 29.71 9.61
N VAL D 118 4.67 29.83 8.79
CA VAL D 118 5.32 31.13 8.65
C VAL D 118 4.32 32.10 8.03
N GLY D 119 3.58 31.62 7.02
CA GLY D 119 2.59 32.44 6.34
C GLY D 119 1.52 32.92 7.28
N LYS D 120 1.04 32.03 8.13
CA LYS D 120 0.01 32.41 9.08
C LYS D 120 0.60 33.36 10.14
N LEU D 121 1.85 33.19 10.55
CA LEU D 121 2.44 34.07 11.57
C LEU D 121 2.52 35.49 10.98
N PHE D 122 2.98 35.61 9.73
CA PHE D 122 3.04 36.92 9.06
C PHE D 122 1.62 37.49 8.91
N ALA D 123 0.65 36.66 8.53
CA ALA D 123 -0.69 37.15 8.37
C ALA D 123 -1.27 37.59 9.71
N SER D 124 -0.89 36.90 10.77
CA SER D 124 -1.42 37.20 12.09
C SER D 124 -0.89 38.56 12.56
N VAL D 125 0.41 38.74 12.43
CA VAL D 125 1.03 39.99 12.83
C VAL D 125 0.49 41.17 12.05
N PHE D 126 0.30 41.00 10.73
CA PHE D 126 -0.16 42.10 9.89
C PHE D 126 -1.65 42.06 9.61
N ALA D 127 -2.39 41.27 10.37
CA ALA D 127 -3.83 41.14 10.15
C ALA D 127 -4.56 42.47 10.12
N GLU D 128 -4.09 43.42 10.91
CA GLU D 128 -4.77 44.70 10.97
C GLU D 128 -4.30 45.77 9.99
N ARG D 129 -3.13 45.60 9.39
CA ARG D 129 -2.63 46.59 8.43
C ARG D 129 -3.54 46.47 7.21
N GLU D 130 -3.62 47.50 6.40
CA GLU D 130 -4.50 47.33 5.24
C GLU D 130 -3.52 46.88 4.19
N ILE D 131 -3.76 45.70 3.66
CA ILE D 131 -2.85 45.18 2.65
C ILE D 131 -3.66 44.91 1.40
N ASP D 132 -3.11 45.36 0.29
CA ASP D 132 -3.75 45.16 -1.00
C ASP D 132 -3.02 44.06 -1.74
N VAL D 133 -1.74 43.91 -1.43
CA VAL D 133 -0.91 42.94 -2.12
C VAL D 133 0.34 42.56 -1.31
N VAL D 134 0.86 41.36 -1.57
CA VAL D 134 2.09 40.93 -0.93
C VAL D 134 3.09 41.01 -2.07
N MET D 135 4.31 41.40 -1.76
CA MET D 135 5.32 41.50 -2.79
C MET D 135 6.59 40.88 -2.34
N THR D 136 7.26 40.20 -3.25
CA THR D 136 8.55 39.60 -2.93
C THR D 136 9.39 39.63 -4.18
N VAL D 137 10.61 39.09 -4.09
CA VAL D 137 11.47 39.09 -5.27
C VAL D 137 11.85 37.64 -5.56
N ALA D 138 11.89 37.26 -6.83
CA ALA D 138 12.22 35.88 -7.21
C ALA D 138 13.58 35.49 -6.61
N THR D 139 13.78 34.25 -6.18
CA THR D 139 12.76 33.22 -6.23
C THR D 139 12.49 32.60 -4.85
N LYS D 140 13.50 32.60 -3.96
CA LYS D 140 13.35 31.98 -2.64
C LYS D 140 12.16 32.50 -1.86
N GLY D 141 11.96 33.82 -1.90
CA GLY D 141 10.84 34.41 -1.19
C GLY D 141 9.47 34.08 -1.77
N ILE D 142 9.41 33.60 -3.01
CA ILE D 142 8.11 33.34 -3.59
C ILE D 142 7.09 32.51 -2.78
N PRO D 143 7.46 31.29 -2.36
CA PRO D 143 6.47 30.51 -1.60
C PRO D 143 6.07 31.15 -0.25
N LEU D 144 6.97 31.91 0.37
CA LEU D 144 6.65 32.58 1.62
C LEU D 144 5.58 33.63 1.32
N ALA D 145 5.77 34.36 0.24
CA ALA D 145 4.83 35.40 -0.16
C ALA D 145 3.43 34.81 -0.36
N TYR D 146 3.35 33.74 -1.16
CA TYR D 146 2.04 33.13 -1.40
C TYR D 146 1.40 32.60 -0.16
N ALA D 147 2.20 32.02 0.72
CA ALA D 147 1.67 31.49 1.97
C ALA D 147 1.02 32.63 2.78
N ALA D 148 1.71 33.75 2.92
CA ALA D 148 1.18 34.89 3.68
C ALA D 148 -0.04 35.46 2.97
N ALA D 149 0.05 35.59 1.64
CA ALA D 149 -1.02 36.16 0.85
C ALA D 149 -2.30 35.33 0.88
N SER D 150 -2.18 34.02 0.99
CA SER D 150 -3.39 33.22 1.00
C SER D 150 -4.17 33.44 2.30
N TYR D 151 -3.47 33.63 3.42
CA TYR D 151 -4.18 33.86 4.66
C TYR D 151 -4.72 35.29 4.70
N LEU D 152 -4.10 36.19 3.94
CA LEU D 152 -4.50 37.60 3.96
C LEU D 152 -5.51 37.95 2.88
N ASN D 153 -5.72 37.02 1.94
CA ASN D 153 -6.67 37.24 0.86
C ASN D 153 -6.27 38.38 -0.10
N VAL D 154 -5.01 38.40 -0.48
CA VAL D 154 -4.53 39.38 -1.41
C VAL D 154 -3.68 38.68 -2.43
N PRO D 155 -3.52 39.30 -3.61
CA PRO D 155 -2.71 38.77 -4.72
C PRO D 155 -1.24 38.94 -4.36
N VAL D 156 -0.39 38.29 -5.13
CA VAL D 156 1.04 38.37 -4.93
C VAL D 156 1.68 39.03 -6.15
N VAL D 157 2.65 39.91 -5.91
CA VAL D 157 3.36 40.56 -7.00
C VAL D 157 4.81 40.12 -6.83
N ILE D 158 5.40 39.63 -7.92
CA ILE D 158 6.77 39.17 -7.89
C ILE D 158 7.72 40.08 -8.69
N VAL D 159 8.65 40.70 -7.98
CA VAL D 159 9.64 41.56 -8.58
C VAL D 159 10.67 40.64 -9.24
N ARG D 160 11.13 40.99 -10.43
CA ARG D 160 12.10 40.14 -11.12
C ARG D 160 13.49 40.77 -11.08
N LYS D 161 14.53 39.94 -11.04
CA LYS D 161 15.90 40.43 -11.02
C LYS D 161 16.51 40.33 -12.43
N ASP D 162 16.66 41.47 -13.10
CA ASP D 162 17.24 41.52 -14.45
C ASP D 162 17.18 42.92 -15.04
N GLY D 168 5.90 45.54 -21.19
CA GLY D 168 6.24 46.80 -21.83
C GLY D 168 6.70 47.82 -20.80
N SER D 169 5.78 48.70 -20.40
CA SER D 169 6.08 49.71 -19.42
C SER D 169 6.65 48.99 -18.20
N THR D 170 7.95 49.14 -17.95
CA THR D 170 8.60 48.48 -16.83
C THR D 170 9.34 49.45 -15.89
N VAL D 171 8.92 49.49 -14.63
CA VAL D 171 9.60 50.34 -13.65
C VAL D 171 10.83 49.57 -13.21
N SER D 172 11.93 50.27 -13.03
CA SER D 172 13.16 49.62 -12.61
C SER D 172 13.88 50.36 -11.50
N ILE D 173 14.77 49.64 -10.83
CA ILE D 173 15.51 50.17 -9.71
C ILE D 173 16.84 49.44 -9.68
N ASN D 174 17.90 50.15 -9.32
CA ASN D 174 19.20 49.55 -9.22
C ASN D 174 19.39 49.47 -7.72
N TYR D 175 20.20 48.53 -7.26
CA TYR D 175 20.39 48.38 -5.83
C TYR D 175 21.54 47.41 -5.72
N VAL D 176 22.17 47.36 -4.56
CA VAL D 176 23.28 46.44 -4.35
C VAL D 176 22.87 45.42 -3.30
N SER D 177 23.17 44.16 -3.58
CA SER D 177 22.85 43.07 -2.68
C SER D 177 23.99 42.88 -1.69
N GLY D 178 23.87 41.90 -0.81
CA GLY D 178 24.93 41.65 0.15
C GLY D 178 25.73 40.43 -0.25
N SER D 179 25.66 40.09 -1.54
CA SER D 179 26.37 38.93 -2.09
C SER D 179 27.42 39.36 -3.11
N SER D 180 27.27 40.58 -3.63
CA SER D 180 28.20 41.14 -4.60
C SER D 180 28.07 42.66 -4.53
N ASN D 181 29.18 43.37 -4.67
CA ASN D 181 29.15 44.82 -4.61
C ASN D 181 28.76 45.41 -5.96
N ARG D 182 28.42 44.54 -6.92
CA ARG D 182 28.03 44.99 -8.25
C ARG D 182 26.57 45.42 -8.26
N ILE D 183 26.31 46.60 -8.82
CA ILE D 183 24.94 47.11 -8.89
C ILE D 183 24.03 46.18 -9.67
N GLN D 184 22.90 45.79 -9.05
CA GLN D 184 21.93 44.92 -9.70
C GLN D 184 20.67 45.70 -9.98
N THR D 185 19.80 45.12 -10.81
CA THR D 185 18.54 45.76 -11.17
C THR D 185 17.34 44.84 -11.01
N MET D 186 16.29 45.36 -10.40
CA MET D 186 15.07 44.59 -10.20
C MET D 186 13.98 45.40 -10.88
N SER D 187 13.06 44.72 -11.52
CA SER D 187 12.00 45.42 -12.22
C SER D 187 10.63 44.82 -12.01
N LEU D 188 9.63 45.61 -12.34
CA LEU D 188 8.24 45.20 -12.20
C LEU D 188 7.46 45.91 -13.30
N ALA D 189 6.70 45.14 -14.07
CA ALA D 189 5.89 45.70 -15.14
C ALA D 189 4.89 46.70 -14.55
N LYS D 190 4.58 47.74 -15.30
CA LYS D 190 3.65 48.77 -14.84
C LYS D 190 2.26 48.23 -14.70
N ARG D 191 2.04 47.17 -15.45
CA ARG D 191 0.76 46.49 -15.48
C ARG D 191 0.67 45.54 -14.29
N SER D 192 1.82 45.14 -13.74
CA SER D 192 1.86 44.18 -12.63
C SER D 192 1.35 44.63 -11.26
N MET D 193 0.87 45.86 -11.13
CA MET D 193 0.35 46.31 -9.84
C MET D 193 -0.39 47.63 -9.89
N LYS D 194 -1.43 47.74 -9.06
CA LYS D 194 -2.25 48.95 -8.98
C LYS D 194 -1.57 50.03 -8.19
N THR D 195 -1.54 51.27 -8.70
CA THR D 195 -0.90 52.36 -7.98
C THR D 195 -1.73 52.68 -6.73
N GLY D 196 -1.06 53.19 -5.71
CA GLY D 196 -1.72 53.53 -4.46
C GLY D 196 -1.99 52.33 -3.56
N SER D 197 -1.47 51.17 -3.92
CA SER D 197 -1.75 50.00 -3.09
C SER D 197 -0.81 49.78 -1.90
N ASN D 198 -1.41 49.30 -0.82
CA ASN D 198 -0.70 48.97 0.41
C ASN D 198 -0.05 47.60 0.24
N VAL D 199 1.28 47.60 0.23
CA VAL D 199 2.09 46.43 0.00
C VAL D 199 2.81 45.82 1.22
N LEU D 200 2.60 44.51 1.44
CA LEU D 200 3.31 43.81 2.50
C LEU D 200 4.47 43.18 1.77
N ILE D 201 5.68 43.53 2.19
CA ILE D 201 6.86 43.00 1.56
C ILE D 201 7.30 41.78 2.35
N ILE D 202 7.63 40.73 1.64
CA ILE D 202 8.04 39.50 2.28
C ILE D 202 9.29 38.98 1.59
N ASP D 203 10.23 38.53 2.40
CA ASP D 203 11.43 37.95 1.83
C ASP D 203 11.97 36.86 2.76
N ASP D 204 12.86 36.02 2.24
CA ASP D 204 13.40 34.92 3.04
C ASP D 204 14.49 35.33 4.01
N PHE D 205 15.51 35.99 3.47
CA PHE D 205 16.66 36.41 4.24
C PHE D 205 17.04 37.86 3.99
N MET D 206 17.28 38.61 5.06
CA MET D 206 17.68 40.00 4.90
C MET D 206 19.08 40.09 5.48
N LYS D 207 20.06 40.30 4.60
CA LYS D 207 21.45 40.37 5.03
C LYS D 207 21.90 41.82 5.10
N ALA D 208 22.08 42.43 3.93
CA ALA D 208 22.52 43.81 3.87
C ALA D 208 21.35 44.78 3.95
N GLY D 209 20.18 44.35 3.48
CA GLY D 209 19.04 45.25 3.53
C GLY D 209 18.85 45.99 2.22
N GLY D 210 19.76 45.79 1.28
CA GLY D 210 19.64 46.46 -0.01
C GLY D 210 18.44 46.01 -0.82
N THR D 211 18.26 44.68 -0.94
CA THR D 211 17.14 44.11 -1.68
C THR D 211 15.80 44.71 -1.24
N ILE D 212 15.53 44.71 0.06
CA ILE D 212 14.27 45.24 0.54
C ILE D 212 14.17 46.73 0.36
N ASN D 213 15.28 47.43 0.51
CA ASN D 213 15.23 48.86 0.32
C ASN D 213 14.94 49.18 -1.15
N GLY D 214 15.49 48.35 -2.04
CA GLY D 214 15.23 48.52 -3.46
C GLY D 214 13.72 48.37 -3.72
N MET D 215 13.10 47.39 -3.08
CA MET D 215 11.69 47.16 -3.28
C MET D 215 10.90 48.33 -2.76
N ILE D 216 11.33 48.88 -1.62
CA ILE D 216 10.65 50.03 -1.04
C ILE D 216 10.77 51.20 -2.01
N ASN D 217 11.90 51.30 -2.69
CA ASN D 217 12.09 52.39 -3.66
C ASN D 217 11.19 52.11 -4.87
N LEU D 218 11.20 50.86 -5.34
CA LEU D 218 10.35 50.52 -6.47
C LEU D 218 8.89 50.88 -6.22
N LEU D 219 8.40 50.69 -4.99
CA LEU D 219 7.01 51.01 -4.67
C LEU D 219 6.67 52.49 -4.82
N ASP D 220 7.70 53.34 -4.73
CA ASP D 220 7.54 54.78 -4.88
C ASP D 220 6.96 54.99 -6.28
N GLU D 221 7.54 54.26 -7.25
CA GLU D 221 7.15 54.30 -8.65
C GLU D 221 5.75 53.75 -8.95
N PHE D 222 4.87 53.68 -7.95
CA PHE D 222 3.49 53.22 -8.14
C PHE D 222 2.71 53.95 -7.08
N ASN D 223 3.32 54.96 -6.49
CA ASN D 223 2.68 55.69 -5.40
C ASN D 223 2.12 54.62 -4.47
N ALA D 224 2.89 53.56 -4.27
CA ALA D 224 2.47 52.46 -3.40
C ALA D 224 3.04 52.70 -2.02
N ASN D 225 2.40 52.11 -1.02
CA ASN D 225 2.82 52.27 0.34
C ASN D 225 3.23 50.96 1.02
N VAL D 226 4.31 51.02 1.79
CA VAL D 226 4.77 49.84 2.51
C VAL D 226 3.87 49.66 3.73
N ALA D 227 3.06 48.61 3.72
CA ALA D 227 2.16 48.34 4.84
C ALA D 227 2.85 47.52 5.95
N GLY D 228 3.92 46.84 5.56
CA GLY D 228 4.64 46.03 6.53
C GLY D 228 5.73 45.27 5.80
N ILE D 229 6.72 44.81 6.53
CA ILE D 229 7.81 44.04 5.97
C ILE D 229 8.06 42.84 6.88
N GLY D 230 8.11 41.65 6.29
CA GLY D 230 8.37 40.45 7.08
C GLY D 230 9.44 39.62 6.42
N VAL D 231 10.41 39.17 7.21
CA VAL D 231 11.47 38.33 6.69
C VAL D 231 11.55 37.10 7.59
N LEU D 232 11.99 35.99 7.03
CA LEU D 232 12.09 34.77 7.80
C LEU D 232 13.33 34.89 8.69
N VAL D 233 14.43 35.23 8.03
CA VAL D 233 15.71 35.38 8.71
C VAL D 233 16.39 36.71 8.42
N GLU D 234 16.96 37.32 9.46
CA GLU D 234 17.69 38.58 9.31
C GLU D 234 19.12 38.39 9.85
N ALA D 235 20.09 38.95 9.15
CA ALA D 235 21.48 38.88 9.58
C ALA D 235 21.61 39.83 10.78
N GLU D 236 22.36 39.41 11.80
CA GLU D 236 22.57 40.25 12.98
C GLU D 236 23.14 41.60 12.55
N GLY D 237 22.62 42.69 13.12
CA GLY D 237 23.12 44.01 12.79
C GLY D 237 22.52 44.74 11.59
N VAL D 238 21.71 44.06 10.78
CA VAL D 238 21.12 44.72 9.61
C VAL D 238 20.07 45.76 10.00
N ASP D 239 19.55 45.65 11.21
CA ASP D 239 18.54 46.58 11.71
C ASP D 239 19.00 48.03 11.69
N GLU D 240 20.26 48.25 11.34
CA GLU D 240 20.83 49.59 11.31
C GLU D 240 21.15 50.00 9.89
N ARG D 241 20.72 49.18 8.92
CA ARG D 241 20.99 49.48 7.52
C ARG D 241 19.66 49.68 6.77
N LEU D 242 18.57 49.70 7.54
CA LEU D 242 17.23 49.86 7.02
C LEU D 242 16.45 50.72 8.01
N VAL D 243 15.72 51.74 7.54
CA VAL D 243 14.98 52.63 8.44
C VAL D 243 13.53 52.21 8.65
N ASP D 244 13.05 51.36 7.78
CA ASP D 244 11.67 50.92 7.87
C ASP D 244 11.49 49.82 8.91
N GLU D 245 10.36 49.83 9.61
CA GLU D 245 10.06 48.79 10.59
C GLU D 245 9.85 47.46 9.84
N TYR D 246 10.38 46.38 10.37
CA TYR D 246 10.20 45.09 9.73
C TYR D 246 10.17 44.02 10.80
N MET D 247 9.54 42.92 10.47
CA MET D 247 9.45 41.86 11.42
C MET D 247 10.27 40.68 10.92
N SER D 248 11.09 40.15 11.81
CA SER D 248 11.89 38.97 11.47
C SER D 248 11.48 37.80 12.39
N LEU D 249 11.62 36.59 11.90
CA LEU D 249 11.29 35.45 12.74
C LEU D 249 12.57 35.03 13.45
N LEU D 250 13.67 35.04 12.70
CA LEU D 250 14.94 34.58 13.22
C LEU D 250 16.12 35.48 12.94
N THR D 251 17.05 35.49 13.90
CA THR D 251 18.29 36.26 13.73
C THR D 251 19.46 35.30 13.53
N LEU D 252 20.25 35.56 12.51
CA LEU D 252 21.42 34.75 12.25
C LEU D 252 22.62 35.57 12.72
N SER D 253 23.36 35.05 13.68
CA SER D 253 24.56 35.73 14.16
C SER D 253 25.58 35.51 13.05
N THR D 254 26.47 36.47 12.85
CA THR D 254 27.47 36.34 11.78
C THR D 254 28.08 34.94 11.78
N ILE D 255 27.49 34.06 10.98
CA ILE D 255 27.95 32.69 10.87
C ILE D 255 29.47 32.66 10.73
N ASN D 256 30.14 32.07 11.72
CA ASN D 256 31.59 32.00 11.71
C ASN D 256 32.11 30.85 10.87
N MET D 257 32.29 31.11 9.57
CA MET D 257 32.77 30.11 8.62
C MET D 257 33.99 29.31 9.07
N LYS D 258 35.06 30.00 9.48
CA LYS D 258 36.29 29.35 9.93
C LYS D 258 35.97 28.07 10.69
N GLU D 259 35.20 28.21 11.75
CA GLU D 259 34.79 27.07 12.56
C GLU D 259 33.36 26.77 12.14
N LYS D 260 33.05 25.51 11.85
CA LYS D 260 31.69 25.16 11.46
C LYS D 260 30.71 25.43 12.60
N SER D 261 30.48 26.72 12.87
CA SER D 261 29.58 27.17 13.92
C SER D 261 28.57 28.18 13.39
N ILE D 262 27.34 28.08 13.89
CA ILE D 262 26.25 28.96 13.47
C ILE D 262 25.31 29.21 14.64
N GLU D 263 24.97 30.47 14.88
CA GLU D 263 24.07 30.81 15.98
C GLU D 263 22.78 31.44 15.46
N ILE D 264 21.66 30.88 15.87
CA ILE D 264 20.37 31.39 15.47
C ILE D 264 19.63 31.75 16.73
N GLN D 265 19.05 32.95 16.76
CA GLN D 265 18.27 33.34 17.93
C GLN D 265 16.93 33.83 17.39
N ASN D 266 16.00 34.08 18.31
CA ASN D 266 14.71 34.60 17.93
C ASN D 266 14.95 35.92 17.20
N GLY D 267 14.01 36.26 16.34
CA GLY D 267 14.11 37.49 15.61
C GLY D 267 13.33 38.46 16.49
N ASN D 268 12.86 39.55 15.93
CA ASN D 268 12.13 40.52 16.70
C ASN D 268 10.61 40.33 16.77
N PHE D 269 10.10 39.22 16.24
CA PHE D 269 8.64 39.01 16.19
C PHE D 269 7.83 39.21 17.45
N LEU D 270 8.43 38.94 18.60
CA LEU D 270 7.69 39.12 19.83
C LEU D 270 7.19 40.55 19.99
N ARG D 271 7.97 41.52 19.51
CA ARG D 271 7.56 42.92 19.62
C ARG D 271 6.22 43.19 18.92
N PHE D 272 5.84 42.31 18.01
CA PHE D 272 4.59 42.52 17.28
C PHE D 272 3.39 41.80 17.86
N PHE D 273 3.60 41.05 18.93
CA PHE D 273 2.48 40.37 19.57
C PHE D 273 1.98 41.24 20.71
N LYS D 274 1.44 40.65 21.78
CA LYS D 274 0.93 41.48 22.86
C LYS D 274 1.93 42.31 23.63
N ASP D 275 3.17 42.38 23.14
CA ASP D 275 4.15 43.22 23.78
C ASP D 275 3.79 44.65 23.32
N ASN D 276 2.66 44.73 22.62
CA ASN D 276 2.12 45.98 22.11
C ASN D 276 1.38 46.70 23.23
S SO4 E . -8.64 -20.19 -19.71
O1 SO4 E . -8.57 -19.63 -18.36
O2 SO4 E . -9.86 -19.65 -20.34
O3 SO4 E . -8.75 -21.67 -19.68
O4 SO4 E . -7.41 -19.87 -20.45
N1 EPE F . -9.18 -17.81 -12.37
C2 EPE F . -8.28 -17.31 -13.47
C3 EPE F . -8.39 -18.22 -14.69
N4 EPE F . -8.05 -19.63 -14.29
C5 EPE F . -8.98 -20.12 -13.21
C6 EPE F . -8.87 -19.23 -11.98
C7 EPE F . -8.17 -20.51 -15.47
C8 EPE F . -6.79 -20.89 -15.98
O8 EPE F . -6.83 -22.16 -16.62
C9 EPE F . -9.09 -16.92 -11.15
C10 EPE F . -7.65 -16.70 -10.65
S EPE F . -7.65 -15.63 -9.20
O1S EPE F . -7.28 -16.49 -8.07
O2S EPE F . -9.02 -15.07 -9.06
O3S EPE F . -6.64 -14.58 -9.46
O1 P6G G . 8.88 -42.20 -11.20
C2 P6G G . 8.39 -43.15 -10.25
C3 P6G G . 8.83 -44.56 -10.63
O4 P6G G . 9.70 -45.06 -9.62
C5 P6G G . 11.04 -45.28 -10.07
C6 P6G G . 11.57 -46.57 -9.46
O7 P6G G . 12.25 -46.26 -8.25
C8 P6G G . 13.66 -46.46 -8.29
C9 P6G G . 14.31 -45.49 -7.33
O10 P6G G . 14.48 -44.23 -7.98
C11 P6G G . 15.46 -43.40 -7.37
C12 P6G G . 15.29 -41.97 -7.87
O13 P6G G . 13.96 -41.52 -7.54
C14 P6G G . 13.93 -40.49 -6.55
C15 P6G G . 13.07 -39.34 -7.07
O16 P6G G . 11.75 -39.83 -7.27
C17 P6G G . 10.98 -39.07 -8.21
C18 P6G G . 10.07 -40.02 -8.97
O19 P6G G . 9.66 -41.08 -8.11
O1 2PE H . -4.07 -31.93 3.35
C2 2PE H . -4.36 -31.41 2.06
C3 2PE H . -4.25 -29.89 2.06
O4 2PE H . -3.09 -29.50 1.30
C5 2PE H . -3.40 -28.81 0.10
C6 2PE H . -2.53 -27.57 -0.05
O7 2PE H . -1.70 -27.44 1.11
C8 2PE H . -0.55 -26.62 0.89
C9 2PE H . 0.56 -27.11 1.79
O10 2PE H . 1.73 -27.31 1.00
C11 2PE H . 2.38 -28.59 1.16
C12 2PE H . 3.24 -28.55 2.43
O13 2PE H . 2.99 -29.74 3.18
C14 2PE H . 2.22 -29.55 4.38
C15 2PE H . 0.74 -29.86 4.10
O16 2PE H . 0.58 -31.25 3.81
C17 2PE H . 0.61 -31.59 2.42
C18 2PE H . -0.81 -31.64 1.89
O19 2PE H . -1.09 -32.97 1.43
C20 2PE H . -1.49 -33.90 2.46
C21 2PE H . -1.08 -35.29 2.04
O22 2PE H . 0.31 -35.49 2.32
C23 2PE H . 1.13 -35.67 1.16
C24 2PE H . 2.43 -36.33 1.56
O25 2PE H . 3.27 -35.36 2.19
C26 2PE H . 3.84 -35.78 3.44
C27 2PE H . 3.46 -34.77 4.51
O28 2PE H . 4.59 -34.51 5.34
S SO4 I . 2.76 -5.23 7.05
O1 SO4 I . 2.52 -5.40 5.62
O2 SO4 I . 3.86 -4.29 7.27
O3 SO4 I . 3.18 -6.51 7.65
O4 SO4 I . 1.51 -4.77 7.66
S SO4 J . 2.14 -11.09 -2.80
O1 SO4 J . 0.98 -10.82 -3.67
O2 SO4 J . 2.68 -9.83 -2.27
O3 SO4 J . 3.19 -11.78 -3.59
O4 SO4 J . 1.72 -11.95 -1.67
S SO4 K . -4.40 -59.76 16.90
O1 SO4 K . -4.38 -60.86 17.88
O2 SO4 K . -4.30 -58.47 17.64
O3 SO4 K . -5.67 -59.79 16.14
O4 SO4 K . -3.25 -59.92 15.98
O1 PG4 L . 1.03 -32.66 6.41
C1 PG4 L . -0.22 -32.10 6.77
C2 PG4 L . -0.92 -32.97 7.81
O2 PG4 L . -1.88 -33.84 7.20
C3 PG4 L . -1.36 -34.77 6.22
C4 PG4 L . -0.78 -35.95 6.95
O3 PG4 L . 0.62 -35.72 7.16
C5 PG4 L . 1.33 -36.87 7.61
C6 PG4 L . 1.86 -37.56 6.39
O4 PG4 L . 0.78 -38.23 5.75
C7 PG4 L . 0.75 -38.03 4.34
C8 PG4 L . -0.64 -38.37 3.88
O5 PG4 L . -0.73 -39.78 3.79
S SO4 M . 8.41 24.11 -23.88
O1 SO4 M . 8.46 25.37 -23.17
O2 SO4 M . 8.42 24.37 -25.34
O3 SO4 M . 7.20 23.35 -23.59
O4 SO4 M . 9.60 23.36 -23.49
S SO4 N . 10.25 32.60 -16.19
O1 SO4 N . 11.53 32.73 -15.47
O2 SO4 N . 10.50 32.52 -17.65
O3 SO4 N . 9.41 33.78 -15.89
O4 SO4 N . 9.56 31.36 -15.76
S SO4 O . -17.91 14.15 24.65
O1 SO4 O . -18.87 15.27 24.49
O2 SO4 O . -18.17 13.13 23.60
O3 SO4 O . -18.10 13.56 25.99
O4 SO4 O . -16.53 14.64 24.54
OH2 1PE P . 0.08 28.96 -3.23
C12 1PE P . -0.81 29.99 -2.81
C22 1PE P . -2.14 29.82 -3.53
OH3 1PE P . -3.07 29.14 -2.69
C13 1PE P . -2.50 27.10 -1.59
C23 1PE P . -3.08 27.72 -2.85
OH4 1PE P . -3.34 26.04 -1.20
C14 1PE P . -5.08 25.08 0.05
C24 1PE P . -4.25 26.32 -0.15
OH5 1PE P . -4.61 24.40 1.21
C15 1PE P . -4.34 22.40 2.46
C25 1PE P . -4.54 22.99 1.09
OH6 1PE P . -3.01 22.68 2.89
C16 1PE P . -1.67 23.56 4.70
C26 1PE P . -2.80 22.60 4.30
OH7 1PE P . -0.47 23.15 4.07
S SO4 Q . 20.37 41.93 0.99
O1 SO4 Q . 20.04 40.82 0.09
O2 SO4 Q . 21.80 41.80 1.31
O3 SO4 Q . 19.59 41.90 2.23
O4 SO4 Q . 20.06 43.20 0.28
N1 EPE R . 18.26 35.46 -2.92
C2 EPE R . 18.59 36.77 -3.58
C3 EPE R . 18.52 37.90 -2.57
N4 EPE R . 17.15 37.91 -1.93
C5 EPE R . 16.81 36.60 -1.27
C6 EPE R . 16.90 35.47 -2.27
C7 EPE R . 17.07 39.02 -0.92
C8 EPE R . 17.97 38.76 0.27
O8 EPE R . 17.86 39.85 1.17
C9 EPE R . 18.33 34.34 -3.91
C10 EPE R . 17.34 34.55 -5.08
S EPE R . 17.47 33.18 -6.20
O1S EPE R . 16.62 32.13 -5.63
O2S EPE R . 18.89 32.80 -6.25
O3S EPE R . 16.96 33.69 -7.48
O1 P6G S . -7.31 44.97 7.95
C2 P6G S . -8.35 45.62 8.65
C3 P6G S . -8.76 44.76 9.82
O4 P6G S . -9.88 43.95 9.44
C5 P6G S . -10.63 43.45 10.55
C6 P6G S . -11.85 44.34 10.74
O7 P6G S . -12.84 43.95 9.78
C8 P6G S . -13.97 44.81 9.73
C9 P6G S . -14.85 44.40 8.55
O10 P6G S . -14.17 44.72 7.33
C11 P6G S . -15.03 45.12 6.26
C12 P6G S . -14.74 44.29 5.02
O13 P6G S . -13.32 44.17 4.87
C14 P6G S . -12.91 43.58 3.63
C15 P6G S . -11.67 42.72 3.88
O16 P6G S . -10.60 43.57 4.28
C17 P6G S . -9.31 42.97 4.26
C18 P6G S . -8.70 43.08 5.64
O19 P6G S . -9.48 42.30 6.54
OH2 1PE T . -7.30 27.03 7.31
C12 1PE T . -6.34 26.68 6.34
C22 1PE T . -6.75 25.39 5.67
OH3 1PE T . -7.93 25.63 4.90
C13 1PE T . -7.14 25.67 2.66
C23 1PE T . -8.00 24.92 3.66
OH4 1PE T . -7.83 26.83 2.13
C14 1PE T . -6.52 28.90 2.25
C24 1PE T . -7.64 28.06 2.88
OH5 1PE T . -6.04 29.86 3.22
C15 1PE T . -3.71 29.40 3.71
C25 1PE T . -5.14 29.34 4.21
OH6 1PE T . -3.26 28.08 3.39
C16 1PE T . -1.46 28.03 1.78
C26 1PE T . -1.83 27.93 3.25
OH7 1PE T . -0.09 27.73 1.60
#